data_6XMX
#
_entry.id   6XMX
#
_cell.length_a   1.00
_cell.length_b   1.00
_cell.length_c   1.00
_cell.angle_alpha   90.00
_cell.angle_beta   90.00
_cell.angle_gamma   90.00
#
_symmetry.space_group_name_H-M   'P 1'
#
loop_
_entity.id
_entity.type
_entity.pdbx_description
1 polymer 'B-cell lymphoma 6 protein'
2 non-polymer 2-[6-[[5-chloranyl-2-[(3~{S},5~{R})-3,5-dimethylpiperidin-1-yl]pyrimidin-4-yl]amino]-1-methyl-2-oxidanylidene-quinolin-3-yl]oxy-~{N}-methyl-ethanamide
#
_entity_poly.entity_id   1
_entity_poly.type   'polypeptide(L)'
_entity_poly.pdbx_seq_one_letter_code
;MDWSHPQFEKSAVGLNDIFEAQKIEWHEGGGGSGENLYFQGGGRADSCIQFTRHASDVLLNLNRLRSRDILTDVVIVVSR
EQFRAHKTVLMACSGLFYSIFTDQLKCNLSVINLDPEINPEGFCILLDFMYTSRLNLREGNIMAVMATAMYLQMEHVVDT
CRKFIKASEAEMVSAIKPPREEFLNSRMLMPQDIMAYRGCEVVENNLPLRSAPGCESRAFAPSLYSGLSTPPASYSMYSH
LPVSSLLFSDEEFRDVRMPVANPFPKERALPCDSARPVPGEYSRPTLEVSPNVCHSNIYSPKETIPEEARSDMHYSVAEG
LKPAAPSARNAPYFPCDKASKEEERPSSEDEIALHFEPPNAPLNRKGLVSPQSPQKSDCQPNSPTESCSSKNACILQASG
;
_entity_poly.pdbx_strand_id   A,B,C,D,E,F,G,H
#
# COMPACT_ATOMS: atom_id res chain seq x y z
N SER A 47 -15.33 -2.32 4.88
CA SER A 47 -14.25 -1.55 4.28
C SER A 47 -13.85 -2.13 2.92
N CYS A 48 -13.09 -3.24 2.96
CA CYS A 48 -12.61 -3.90 1.76
C CYS A 48 -12.76 -5.40 1.92
N ILE A 49 -12.31 -6.14 0.91
CA ILE A 49 -12.49 -7.58 0.89
C ILE A 49 -11.13 -8.25 0.79
N GLN A 50 -10.86 -9.15 1.73
CA GLN A 50 -9.60 -9.87 1.82
C GLN A 50 -9.65 -11.19 1.06
N PHE A 51 -8.68 -11.39 0.17
CA PHE A 51 -8.58 -12.63 -0.60
C PHE A 51 -7.51 -13.49 0.06
N THR A 52 -7.98 -14.48 0.84
CA THR A 52 -7.08 -15.33 1.60
C THR A 52 -6.16 -16.15 0.71
N ARG A 53 -6.64 -16.63 -0.43
CA ARG A 53 -5.85 -17.48 -1.31
C ARG A 53 -5.27 -16.76 -2.52
N HIS A 54 -5.36 -15.44 -2.59
CA HIS A 54 -4.78 -14.73 -3.73
C HIS A 54 -3.27 -14.89 -3.82
N ALA A 55 -2.58 -14.65 -2.70
CA ALA A 55 -1.13 -14.72 -2.69
C ALA A 55 -0.63 -16.11 -3.11
N SER A 56 -1.33 -17.16 -2.71
CA SER A 56 -0.90 -18.49 -3.11
C SER A 56 -1.10 -18.70 -4.60
N ASP A 57 -2.16 -18.14 -5.16
CA ASP A 57 -2.40 -18.25 -6.59
C ASP A 57 -1.35 -17.48 -7.38
N VAL A 58 -0.90 -16.37 -6.82
CA VAL A 58 0.13 -15.57 -7.49
C VAL A 58 1.43 -16.33 -7.50
N LEU A 59 1.82 -16.86 -6.34
CA LEU A 59 3.05 -17.63 -6.26
C LEU A 59 3.03 -18.84 -7.17
N LEU A 60 1.87 -19.48 -7.27
CA LEU A 60 1.73 -20.64 -8.14
C LEU A 60 1.92 -20.26 -9.60
N ASN A 61 1.36 -19.14 -10.01
CA ASN A 61 1.53 -18.70 -11.39
C ASN A 61 2.97 -18.29 -11.66
N LEU A 62 3.63 -17.72 -10.65
CA LEU A 62 5.04 -17.35 -10.81
C LEU A 62 5.90 -18.59 -10.97
N ASN A 63 5.56 -19.66 -10.26
CA ASN A 63 6.28 -20.91 -10.39
C ASN A 63 6.04 -21.52 -11.76
N ARG A 64 4.84 -21.34 -12.29
CA ARG A 64 4.53 -21.85 -13.62
C ARG A 64 5.35 -21.11 -14.67
N LEU A 65 5.55 -19.80 -14.48
CA LEU A 65 6.37 -19.06 -15.43
C LEU A 65 7.82 -19.46 -15.34
N ARG A 66 8.30 -19.68 -14.13
CA ARG A 66 9.68 -20.10 -13.92
C ARG A 66 9.94 -21.45 -14.56
N SER A 67 8.98 -22.36 -14.44
CA SER A 67 9.09 -23.69 -15.02
C SER A 67 9.14 -23.61 -16.53
N ARG A 68 8.46 -22.63 -17.11
CA ARG A 68 8.41 -22.42 -18.55
C ARG A 68 9.45 -21.41 -19.02
N ASP A 69 10.33 -20.95 -18.11
CA ASP A 69 11.38 -20.02 -18.46
C ASP A 69 10.86 -18.70 -19.03
N ILE A 70 9.70 -18.25 -18.56
CA ILE A 70 9.13 -16.99 -19.02
C ILE A 70 9.61 -15.83 -18.15
N LEU A 71 10.30 -14.89 -18.79
CA LEU A 71 10.82 -13.68 -18.15
C LEU A 71 11.81 -13.96 -17.03
N THR A 72 12.45 -15.12 -17.04
CA THR A 72 13.48 -15.40 -16.05
C THR A 72 14.71 -14.62 -16.51
N ASP A 73 15.02 -13.55 -15.77
CA ASP A 73 16.07 -12.62 -16.15
C ASP A 73 17.38 -12.84 -15.44
N VAL A 74 17.55 -13.91 -14.68
CA VAL A 74 18.82 -14.10 -13.99
C VAL A 74 19.17 -15.56 -13.93
N VAL A 75 20.48 -15.79 -13.98
CA VAL A 75 21.09 -17.11 -13.90
C VAL A 75 21.97 -17.14 -12.66
N ILE A 76 21.66 -18.05 -11.76
CA ILE A 76 22.38 -18.26 -10.51
C ILE A 76 23.32 -19.42 -10.73
N VAL A 77 24.61 -19.17 -10.57
CA VAL A 77 25.63 -20.18 -10.77
C VAL A 77 26.11 -20.62 -9.40
N VAL A 78 25.84 -21.87 -9.09
CA VAL A 78 26.26 -22.52 -7.86
C VAL A 78 27.18 -23.63 -8.30
N SER A 79 28.43 -23.60 -7.87
CA SER A 79 29.43 -24.59 -8.29
C SER A 79 29.30 -24.83 -9.79
N ARG A 80 28.89 -26.02 -10.24
CA ARG A 80 28.73 -26.25 -11.68
C ARG A 80 27.29 -26.16 -12.18
N GLU A 81 26.35 -25.84 -11.33
CA GLU A 81 24.94 -25.85 -11.68
C GLU A 81 24.42 -24.45 -11.95
N GLN A 82 23.42 -24.39 -12.81
CA GLN A 82 22.80 -23.14 -13.22
C GLN A 82 21.31 -23.18 -12.88
N PHE A 83 20.80 -22.09 -12.34
CA PHE A 83 19.40 -21.97 -11.94
C PHE A 83 18.85 -20.65 -12.45
N ARG A 84 17.84 -20.71 -13.30
CA ARG A 84 17.21 -19.51 -13.81
C ARG A 84 16.04 -19.14 -12.93
N ALA A 85 15.98 -17.88 -12.53
CA ALA A 85 14.89 -17.46 -11.66
C ALA A 85 14.56 -16.00 -11.95
N HIS A 86 13.54 -15.50 -11.26
CA HIS A 86 13.14 -14.11 -11.38
C HIS A 86 13.76 -13.29 -10.27
N LYS A 87 14.36 -12.15 -10.64
CA LYS A 87 15.01 -11.29 -9.67
C LYS A 87 14.08 -10.83 -8.56
N THR A 88 12.85 -10.48 -8.92
CA THR A 88 11.91 -9.98 -7.93
C THR A 88 11.59 -11.02 -6.86
N VAL A 89 11.43 -12.27 -7.26
CA VAL A 89 11.13 -13.29 -6.26
C VAL A 89 12.32 -13.52 -5.37
N LEU A 90 13.52 -13.49 -5.96
CA LEU A 90 14.72 -13.69 -5.16
C LEU A 90 14.82 -12.61 -4.10
N MET A 91 14.61 -11.35 -4.49
CA MET A 91 14.68 -10.28 -3.51
C MET A 91 13.58 -10.42 -2.48
N ALA A 92 12.39 -10.82 -2.90
CA ALA A 92 11.26 -10.94 -1.99
C ALA A 92 11.50 -11.98 -0.92
N CYS A 93 12.24 -13.02 -1.25
CA CYS A 93 12.45 -14.09 -0.29
C CYS A 93 13.86 -14.14 0.29
N SER A 94 14.82 -13.44 -0.30
CA SER A 94 16.20 -13.49 0.18
C SER A 94 16.78 -12.12 0.48
N GLY A 95 17.41 -12.02 1.65
CA GLY A 95 18.07 -10.80 2.05
C GLY A 95 19.36 -10.55 1.31
N LEU A 96 20.09 -11.62 0.99
CA LEU A 96 21.32 -11.48 0.24
C LEU A 96 21.02 -10.97 -1.15
N PHE A 97 20.06 -11.59 -1.82
CA PHE A 97 19.67 -11.15 -3.14
C PHE A 97 19.07 -9.77 -3.07
N TYR A 98 18.42 -9.43 -1.94
CA TYR A 98 17.89 -8.08 -1.79
C TYR A 98 19.03 -7.09 -1.76
N SER A 99 20.02 -7.35 -0.93
CA SER A 99 21.19 -6.48 -0.82
C SER A 99 21.92 -6.35 -2.16
N ILE A 100 21.95 -7.42 -2.93
CA ILE A 100 22.66 -7.40 -4.21
C ILE A 100 21.88 -6.61 -5.26
N PHE A 101 20.62 -6.98 -5.48
CA PHE A 101 19.82 -6.36 -6.52
C PHE A 101 19.33 -4.98 -6.14
N THR A 102 19.43 -4.63 -4.86
CA THR A 102 19.08 -3.28 -4.46
C THR A 102 20.15 -2.33 -4.96
N ASP A 103 21.39 -2.79 -4.97
CA ASP A 103 22.50 -2.02 -5.50
C ASP A 103 22.32 -1.83 -6.99
N GLN A 104 22.36 -0.57 -7.44
CA GLN A 104 22.16 -0.28 -8.86
C GLN A 104 23.30 -0.83 -9.70
N LEU A 105 24.45 -1.11 -9.08
CA LEU A 105 25.58 -1.67 -9.80
C LEU A 105 25.36 -3.15 -10.13
N LYS A 106 24.57 -3.84 -9.32
CA LYS A 106 24.31 -5.26 -9.50
C LYS A 106 22.86 -5.55 -9.86
N CYS A 107 22.04 -4.51 -10.08
CA CYS A 107 20.69 -4.72 -10.56
C CYS A 107 20.68 -5.49 -11.86
N ASN A 108 21.32 -4.95 -12.89
CA ASN A 108 21.23 -5.46 -14.24
C ASN A 108 22.14 -6.66 -14.49
N LEU A 109 22.69 -7.24 -13.44
CA LEU A 109 23.55 -8.41 -13.62
C LEU A 109 22.73 -9.62 -14.03
N SER A 110 23.01 -10.12 -15.22
CA SER A 110 22.30 -11.27 -15.77
C SER A 110 22.76 -12.57 -15.14
N VAL A 111 24.01 -12.63 -14.68
CA VAL A 111 24.59 -13.84 -14.10
C VAL A 111 25.14 -13.50 -12.72
N ILE A 112 24.68 -14.24 -11.72
CA ILE A 112 25.13 -14.09 -10.34
C ILE A 112 25.91 -15.35 -9.97
N ASN A 113 27.21 -15.20 -9.72
CA ASN A 113 28.09 -16.30 -9.36
C ASN A 113 28.23 -16.37 -7.85
N LEU A 114 27.59 -17.35 -7.23
CA LEU A 114 27.73 -17.52 -5.80
C LEU A 114 29.02 -18.25 -5.48
N ASP A 115 29.39 -18.23 -4.21
CA ASP A 115 30.62 -18.89 -3.81
C ASP A 115 30.49 -20.39 -4.09
N PRO A 116 31.54 -21.02 -4.62
CA PRO A 116 31.44 -22.46 -4.91
C PRO A 116 31.24 -23.31 -3.68
N GLU A 117 31.42 -22.75 -2.50
CA GLU A 117 31.21 -23.48 -1.27
C GLU A 117 29.75 -23.75 -0.95
N ILE A 118 28.84 -22.94 -1.48
CA ILE A 118 27.43 -23.13 -1.19
C ILE A 118 26.92 -24.46 -1.76
N ASN A 119 26.31 -25.26 -0.90
CA ASN A 119 25.79 -26.56 -1.27
C ASN A 119 24.60 -26.42 -2.22
N PRO A 120 24.67 -27.04 -3.40
CA PRO A 120 23.55 -26.95 -4.35
C PRO A 120 22.25 -27.50 -3.80
N GLU A 121 22.27 -28.56 -2.99
CA GLU A 121 21.01 -29.07 -2.47
C GLU A 121 20.34 -28.07 -1.56
N GLY A 122 21.13 -27.30 -0.80
CA GLY A 122 20.56 -26.28 0.04
C GLY A 122 19.91 -25.20 -0.77
N PHE A 123 20.57 -24.80 -1.87
CA PHE A 123 20.05 -23.78 -2.76
C PHE A 123 18.82 -24.19 -3.56
N CYS A 124 18.81 -25.39 -4.14
CA CYS A 124 17.67 -25.75 -4.96
C CYS A 124 16.45 -26.06 -4.11
N ILE A 125 16.64 -26.72 -2.97
CA ILE A 125 15.53 -26.89 -2.05
C ILE A 125 14.95 -25.54 -1.66
N LEU A 126 15.84 -24.59 -1.37
CA LEU A 126 15.38 -23.27 -0.97
C LEU A 126 14.74 -22.52 -2.13
N LEU A 127 15.22 -22.70 -3.35
CA LEU A 127 14.62 -22.02 -4.47
C LEU A 127 13.23 -22.55 -4.71
N ASP A 128 13.04 -23.86 -4.58
CA ASP A 128 11.71 -24.42 -4.73
C ASP A 128 10.80 -23.90 -3.64
N PHE A 129 11.29 -23.85 -2.41
CA PHE A 129 10.51 -23.33 -1.29
C PHE A 129 10.11 -21.88 -1.52
N MET A 130 11.01 -21.10 -2.10
CA MET A 130 10.76 -19.68 -2.36
C MET A 130 9.56 -19.48 -3.26
N TYR A 131 9.37 -20.37 -4.23
CA TYR A 131 8.29 -20.28 -5.18
C TYR A 131 7.09 -21.14 -4.79
N THR A 132 7.24 -22.03 -3.82
CA THR A 132 6.16 -22.94 -3.44
C THR A 132 5.76 -22.86 -1.98
N SER A 133 6.58 -22.28 -1.12
CA SER A 133 6.35 -22.21 0.32
C SER A 133 6.46 -23.56 1.01
N ARG A 134 6.87 -24.60 0.29
CA ARG A 134 7.04 -25.94 0.86
C ARG A 134 8.53 -26.23 0.91
N LEU A 135 9.03 -26.50 2.11
CA LEU A 135 10.44 -26.76 2.32
C LEU A 135 10.67 -28.24 2.58
N ASN A 136 11.46 -28.88 1.71
CA ASN A 136 11.79 -30.29 1.81
C ASN A 136 13.00 -30.44 2.74
N LEU A 137 12.71 -30.43 4.03
CA LEU A 137 13.73 -30.55 5.07
C LEU A 137 13.75 -31.96 5.64
N ARG A 138 14.88 -32.66 5.46
CA ARG A 138 15.03 -34.00 6.01
C ARG A 138 16.41 -34.09 6.65
N GLU A 139 16.56 -35.09 7.51
CA GLU A 139 17.80 -35.28 8.26
C GLU A 139 19.04 -35.34 7.39
N GLY A 140 18.90 -35.77 6.13
CA GLY A 140 20.07 -35.84 5.26
C GLY A 140 20.51 -34.53 4.64
N ASN A 141 19.67 -33.51 4.65
CA ASN A 141 19.99 -32.21 4.05
C ASN A 141 19.81 -31.01 4.98
N ILE A 142 19.28 -31.22 6.18
CA ILE A 142 19.01 -30.14 7.14
C ILE A 142 20.21 -29.20 7.27
N MET A 143 21.40 -29.74 7.45
CA MET A 143 22.58 -28.88 7.63
C MET A 143 22.95 -28.07 6.39
N ALA A 144 22.87 -28.66 5.21
CA ALA A 144 23.19 -27.91 4.00
C ALA A 144 22.18 -26.80 3.80
N VAL A 145 20.93 -27.05 4.16
CA VAL A 145 19.88 -26.05 4.02
C VAL A 145 20.06 -24.94 5.04
N MET A 146 20.31 -25.30 6.29
CA MET A 146 20.51 -24.30 7.33
C MET A 146 21.67 -23.37 6.97
N ALA A 147 22.79 -23.95 6.52
CA ALA A 147 23.95 -23.14 6.16
C ALA A 147 23.65 -22.26 4.96
N THR A 148 22.92 -22.78 3.98
CA THR A 148 22.62 -21.97 2.83
C THR A 148 21.64 -20.85 3.19
N ALA A 149 20.67 -21.13 4.05
CA ALA A 149 19.72 -20.10 4.47
C ALA A 149 20.44 -19.01 5.23
N MET A 150 21.50 -19.38 5.93
CA MET A 150 22.30 -18.40 6.63
C MET A 150 23.04 -17.54 5.62
N TYR A 151 23.61 -18.17 4.59
CA TYR A 151 24.30 -17.40 3.56
C TYR A 151 23.33 -16.51 2.80
N LEU A 152 22.15 -17.03 2.48
CA LEU A 152 21.13 -16.26 1.76
C LEU A 152 20.35 -15.32 2.67
N GLN A 153 20.58 -15.35 3.97
CA GLN A 153 19.89 -14.51 4.94
C GLN A 153 18.38 -14.73 4.92
N MET A 154 18.00 -15.97 5.19
CA MET A 154 16.61 -16.38 5.27
C MET A 154 16.39 -16.73 6.73
N GLU A 155 16.26 -15.69 7.54
CA GLU A 155 16.15 -15.84 8.98
C GLU A 155 15.08 -16.81 9.43
N HIS A 156 13.90 -16.76 8.83
CA HIS A 156 12.84 -17.68 9.25
C HIS A 156 13.17 -19.11 8.87
N VAL A 157 13.91 -19.29 7.78
CA VAL A 157 14.29 -20.65 7.39
C VAL A 157 15.31 -21.20 8.37
N VAL A 158 16.31 -20.39 8.72
CA VAL A 158 17.31 -20.81 9.70
C VAL A 158 16.63 -21.12 11.03
N ASP A 159 15.66 -20.30 11.43
CA ASP A 159 14.92 -20.54 12.66
C ASP A 159 14.19 -21.88 12.61
N THR A 160 13.65 -22.22 11.44
CA THR A 160 12.95 -23.50 11.35
C THR A 160 13.94 -24.66 11.32
N CYS A 161 15.13 -24.46 10.75
CA CYS A 161 16.13 -25.52 10.81
C CYS A 161 16.56 -25.72 12.26
N ARG A 162 16.57 -24.64 13.04
CA ARG A 162 16.91 -24.72 14.45
C ARG A 162 15.84 -25.51 15.21
N LYS A 163 14.58 -25.30 14.87
CA LYS A 163 13.51 -26.03 15.55
C LYS A 163 13.49 -27.49 15.09
N PHE A 164 13.91 -27.74 13.87
CA PHE A 164 13.90 -29.09 13.32
C PHE A 164 14.82 -30.02 14.10
N ILE A 165 16.10 -29.65 14.22
CA ILE A 165 17.03 -30.50 14.95
C ILE A 165 16.76 -30.42 16.45
N LYS A 166 16.02 -29.41 16.89
CA LYS A 166 15.64 -29.32 18.29
C LYS A 166 14.56 -30.33 18.62
N ALA A 167 13.67 -30.58 17.66
CA ALA A 167 12.60 -31.54 17.85
C ALA A 167 13.04 -32.96 17.50
N SER A 168 13.97 -33.09 16.57
CA SER A 168 14.45 -34.41 16.16
C SER A 168 15.65 -34.83 17.01
N SER B 47 5.65 -35.04 6.99
CA SER B 47 6.19 -34.87 5.64
C SER B 47 6.99 -33.57 5.53
N CYS B 48 6.28 -32.46 5.43
CA CYS B 48 6.91 -31.15 5.29
C CYS B 48 6.18 -30.15 6.19
N ILE B 49 6.61 -28.90 6.12
CA ILE B 49 6.09 -27.86 7.00
C ILE B 49 5.50 -26.74 6.16
N GLN B 50 4.24 -26.43 6.42
CA GLN B 50 3.50 -25.40 5.69
C GLN B 50 3.62 -24.05 6.38
N PHE B 51 4.04 -23.03 5.61
CA PHE B 51 4.15 -21.67 6.10
C PHE B 51 2.92 -20.90 5.65
N THR B 52 1.98 -20.74 6.57
CA THR B 52 0.70 -20.11 6.27
C THR B 52 0.86 -18.64 5.84
N ARG B 53 1.78 -17.92 6.45
CA ARG B 53 1.96 -16.50 6.16
C ARG B 53 3.13 -16.20 5.24
N HIS B 54 3.78 -17.20 4.65
CA HIS B 54 4.89 -16.91 3.75
C HIS B 54 4.47 -16.13 2.52
N ALA B 55 3.41 -16.59 1.85
CA ALA B 55 2.96 -15.93 0.64
C ALA B 55 2.60 -14.46 0.88
N SER B 56 2.01 -14.15 2.03
CA SER B 56 1.68 -12.77 2.32
C SER B 56 2.94 -11.94 2.54
N ASP B 57 3.95 -12.53 3.14
CA ASP B 57 5.21 -11.82 3.35
C ASP B 57 5.92 -11.58 2.02
N VAL B 58 5.78 -12.51 1.09
CA VAL B 58 6.38 -12.35 -0.22
C VAL B 58 5.71 -11.21 -0.97
N LEU B 59 4.38 -11.25 -0.99
CA LEU B 59 3.64 -10.20 -1.66
C LEU B 59 3.92 -8.83 -1.07
N LEU B 60 4.07 -8.77 0.25
CA LEU B 60 4.37 -7.52 0.92
C LEU B 60 5.74 -6.99 0.50
N ASN B 61 6.73 -7.86 0.41
CA ASN B 61 8.05 -7.42 -0.02
C ASN B 61 8.03 -7.01 -1.49
N LEU B 62 7.22 -7.66 -2.31
CA LEU B 62 7.10 -7.28 -3.70
C LEU B 62 6.49 -5.90 -3.83
N ASN B 63 5.52 -5.60 -2.97
CA ASN B 63 4.91 -4.28 -2.96
C ASN B 63 5.91 -3.23 -2.52
N ARG B 64 6.78 -3.60 -1.59
CA ARG B 64 7.80 -2.67 -1.13
C ARG B 64 8.78 -2.37 -2.25
N LEU B 65 9.11 -3.36 -3.07
CA LEU B 65 10.01 -3.12 -4.19
C LEU B 65 9.35 -2.25 -5.24
N ARG B 66 8.07 -2.49 -5.49
CA ARG B 66 7.32 -1.70 -6.46
C ARG B 66 7.25 -0.25 -6.03
N SER B 67 7.03 -0.02 -4.74
CA SER B 67 6.95 1.33 -4.20
C SER B 67 8.27 2.04 -4.34
N ARG B 68 9.37 1.31 -4.26
CA ARG B 68 10.71 1.85 -4.39
C ARG B 68 11.24 1.77 -5.82
N ASP B 69 10.40 1.32 -6.76
CA ASP B 69 10.79 1.22 -8.17
C ASP B 69 11.99 0.30 -8.39
N ILE B 70 12.09 -0.76 -7.61
CA ILE B 70 13.18 -1.72 -7.76
C ILE B 70 12.78 -2.83 -8.73
N LEU B 71 13.52 -2.94 -9.82
CA LEU B 71 13.32 -3.96 -10.85
C LEU B 71 11.96 -3.89 -11.51
N THR B 72 11.30 -2.76 -11.49
CA THR B 72 10.04 -2.60 -12.20
C THR B 72 10.40 -2.46 -13.67
N ASP B 73 10.13 -3.50 -14.44
CA ASP B 73 10.55 -3.59 -15.83
C ASP B 73 9.47 -3.23 -16.84
N VAL B 74 8.32 -2.73 -16.40
CA VAL B 74 7.28 -2.41 -17.37
C VAL B 74 6.52 -1.18 -16.94
N VAL B 75 6.10 -0.43 -17.95
CA VAL B 75 5.30 0.77 -17.82
C VAL B 75 3.96 0.53 -18.50
N ILE B 76 2.90 0.64 -17.74
CA ILE B 76 1.54 0.47 -18.20
C ILE B 76 0.97 1.86 -18.45
N VAL B 77 0.56 2.12 -19.68
CA VAL B 77 0.04 3.41 -20.06
C VAL B 77 -1.47 3.26 -20.20
N VAL B 78 -2.18 3.94 -19.33
CA VAL B 78 -3.63 3.98 -19.31
C VAL B 78 -3.99 5.43 -19.55
N SER B 79 -4.69 5.71 -20.63
CA SER B 79 -5.04 7.08 -21.01
C SER B 79 -3.81 7.96 -20.84
N ARG B 80 -3.80 8.92 -19.92
CA ARG B 80 -2.60 9.76 -19.73
C ARG B 80 -1.72 9.34 -18.56
N GLU B 81 -2.07 8.28 -17.85
CA GLU B 81 -1.36 7.88 -16.65
C GLU B 81 -0.39 6.74 -16.92
N GLN B 82 0.67 6.70 -16.13
CA GLN B 82 1.72 5.70 -16.23
C GLN B 82 1.82 4.95 -14.91
N PHE B 83 1.95 3.63 -14.99
CA PHE B 83 2.06 2.76 -13.83
C PHE B 83 3.22 1.79 -14.03
N ARG B 84 4.21 1.84 -13.16
CA ARG B 84 5.33 0.93 -13.26
C ARG B 84 5.05 -0.28 -12.39
N ALA B 85 5.25 -1.46 -12.95
CA ALA B 85 4.99 -2.68 -12.19
C ALA B 85 5.94 -3.77 -12.65
N HIS B 86 5.84 -4.91 -11.99
CA HIS B 86 6.65 -6.08 -12.35
C HIS B 86 5.85 -7.00 -13.26
N LYS B 87 6.48 -7.42 -14.35
CA LYS B 87 5.80 -8.29 -15.32
C LYS B 87 5.32 -9.59 -14.70
N THR B 88 6.12 -10.18 -13.82
CA THR B 88 5.73 -11.46 -13.23
C THR B 88 4.48 -11.34 -12.38
N VAL B 89 4.34 -10.25 -11.63
CA VAL B 89 3.15 -10.11 -10.82
C VAL B 89 1.94 -9.88 -11.70
N LEU B 90 2.11 -9.12 -12.76
CA LEU B 90 1.00 -8.88 -13.66
C LEU B 90 0.51 -10.19 -14.25
N MET B 91 1.43 -11.02 -14.72
CA MET B 91 1.02 -12.30 -15.27
C MET B 91 0.37 -13.17 -14.21
N ALA B 92 0.92 -13.16 -13.00
CA ALA B 92 0.40 -13.99 -11.93
C ALA B 92 -1.02 -13.64 -11.56
N CYS B 93 -1.39 -12.38 -11.69
CA CYS B 93 -2.73 -11.96 -11.30
C CYS B 93 -3.64 -11.64 -12.47
N SER B 94 -3.11 -11.46 -13.68
CA SER B 94 -3.94 -11.09 -14.82
C SER B 94 -3.79 -12.04 -15.99
N GLY B 95 -4.94 -12.44 -16.54
CA GLY B 95 -4.97 -13.30 -17.71
C GLY B 95 -4.60 -12.57 -18.98
N LEU B 96 -4.96 -11.29 -19.08
CA LEU B 96 -4.61 -10.51 -20.26
C LEU B 96 -3.11 -10.32 -20.31
N PHE B 97 -2.52 -9.92 -19.19
CA PHE B 97 -1.10 -9.75 -19.14
C PHE B 97 -0.40 -11.09 -19.30
N TYR B 98 -1.06 -12.17 -18.88
CA TYR B 98 -0.47 -13.48 -19.08
C TYR B 98 -0.40 -13.78 -20.57
N SER B 99 -1.52 -13.59 -21.26
CA SER B 99 -1.58 -13.83 -22.70
C SER B 99 -0.58 -12.94 -23.45
N ILE B 100 -0.37 -11.72 -22.97
CA ILE B 100 0.54 -10.80 -23.64
C ILE B 100 2.00 -11.21 -23.41
N PHE B 101 2.40 -11.33 -22.15
CA PHE B 101 3.79 -11.60 -21.81
C PHE B 101 4.16 -13.05 -22.07
N THR B 102 3.18 -13.92 -22.28
CA THR B 102 3.50 -15.29 -22.64
C THR B 102 4.02 -15.31 -24.06
N ASP B 103 3.48 -14.43 -24.90
CA ASP B 103 3.95 -14.29 -26.28
C ASP B 103 5.36 -13.77 -26.28
N GLN B 104 6.27 -14.47 -26.95
CA GLN B 104 7.66 -14.06 -26.99
C GLN B 104 7.84 -12.75 -27.74
N LEU B 105 6.86 -12.36 -28.56
CA LEU B 105 6.92 -11.10 -29.28
C LEU B 105 6.66 -9.92 -28.36
N LYS B 106 5.90 -10.14 -27.29
CA LYS B 106 5.53 -9.08 -26.36
C LYS B 106 6.14 -9.28 -24.98
N CYS B 107 6.99 -10.29 -24.81
CA CYS B 107 7.70 -10.46 -23.55
C CYS B 107 8.50 -9.21 -23.21
N ASN B 108 9.43 -8.85 -24.09
CA ASN B 108 10.42 -7.82 -23.81
C ASN B 108 9.87 -6.41 -24.00
N LEU B 109 8.56 -6.26 -24.14
CA LEU B 109 7.99 -4.94 -24.31
C LEU B 109 8.07 -4.16 -23.00
N SER B 110 8.81 -3.06 -23.04
CA SER B 110 9.00 -2.21 -21.88
C SER B 110 7.79 -1.34 -21.59
N VAL B 111 7.01 -1.00 -22.62
CA VAL B 111 5.84 -0.14 -22.49
C VAL B 111 4.64 -0.86 -23.08
N ILE B 112 3.59 -1.00 -22.28
CA ILE B 112 2.34 -1.62 -22.67
C ILE B 112 1.28 -0.54 -22.69
N ASN B 113 0.75 -0.23 -23.89
CA ASN B 113 -0.28 0.79 -24.07
C ASN B 113 -1.65 0.14 -24.10
N LEU B 114 -2.40 0.30 -23.03
CA LEU B 114 -3.75 -0.23 -23.00
C LEU B 114 -4.70 0.70 -23.73
N ASP B 115 -5.89 0.20 -24.01
CA ASP B 115 -6.86 1.01 -24.73
C ASP B 115 -7.21 2.23 -23.88
N PRO B 116 -7.33 3.42 -24.47
CA PRO B 116 -7.63 4.61 -23.68
C PRO B 116 -8.99 4.55 -23.02
N GLU B 117 -9.83 3.61 -23.42
CA GLU B 117 -11.15 3.46 -22.82
C GLU B 117 -11.11 2.89 -21.40
N ILE B 118 -10.06 2.16 -21.04
CA ILE B 118 -9.99 1.57 -19.72
C ILE B 118 -9.90 2.65 -18.64
N ASN B 119 -10.81 2.57 -17.67
CA ASN B 119 -10.88 3.53 -16.58
C ASN B 119 -9.66 3.41 -15.67
N PRO B 120 -8.93 4.49 -15.46
CA PRO B 120 -7.75 4.44 -14.59
C PRO B 120 -8.08 4.04 -13.17
N GLU B 121 -9.22 4.45 -12.62
CA GLU B 121 -9.52 4.05 -11.25
C GLU B 121 -9.71 2.54 -11.14
N GLY B 122 -10.26 1.92 -12.17
CA GLY B 122 -10.41 0.48 -12.16
C GLY B 122 -9.06 -0.21 -12.17
N PHE B 123 -8.15 0.32 -12.99
CA PHE B 123 -6.80 -0.22 -13.10
C PHE B 123 -5.93 -0.01 -11.86
N CYS B 124 -5.92 1.19 -11.28
CA CYS B 124 -5.04 1.39 -10.14
C CYS B 124 -5.56 0.69 -8.89
N ILE B 125 -6.87 0.69 -8.68
CA ILE B 125 -7.41 -0.10 -7.59
C ILE B 125 -7.04 -1.56 -7.77
N LEU B 126 -7.14 -2.05 -8.99
CA LEU B 126 -6.80 -3.45 -9.25
C LEU B 126 -5.30 -3.70 -9.12
N LEU B 127 -4.47 -2.75 -9.50
CA LEU B 127 -3.04 -2.95 -9.36
C LEU B 127 -2.66 -3.01 -7.90
N ASP B 128 -3.26 -2.16 -7.08
CA ASP B 128 -2.97 -2.22 -5.65
C ASP B 128 -3.45 -3.54 -5.08
N PHE B 129 -4.64 -3.99 -5.49
CA PHE B 129 -5.16 -5.27 -5.01
C PHE B 129 -4.24 -6.43 -5.42
N MET B 130 -3.67 -6.35 -6.62
CA MET B 130 -2.78 -7.39 -7.12
C MET B 130 -1.58 -7.59 -6.22
N TYR B 131 -1.07 -6.51 -5.65
CA TYR B 131 0.10 -6.54 -4.80
C TYR B 131 -0.24 -6.59 -3.31
N THR B 132 -1.50 -6.35 -2.95
CA THR B 132 -1.91 -6.29 -1.55
C THR B 132 -3.01 -7.27 -1.18
N SER B 133 -3.75 -7.79 -2.15
CA SER B 133 -4.90 -8.66 -1.93
C SER B 133 -6.09 -7.94 -1.32
N ARG B 134 -6.03 -6.62 -1.17
CA ARG B 134 -7.11 -5.82 -0.63
C ARG B 134 -7.70 -5.00 -1.76
N LEU B 135 -8.99 -5.19 -2.01
CA LEU B 135 -9.69 -4.52 -3.08
C LEU B 135 -10.58 -3.43 -2.52
N ASN B 136 -10.33 -2.19 -2.92
CA ASN B 136 -11.10 -1.03 -2.49
C ASN B 136 -12.31 -0.88 -3.43
N LEU B 137 -13.34 -1.66 -3.13
CA LEU B 137 -14.58 -1.67 -3.90
C LEU B 137 -15.67 -0.87 -3.20
N ARG B 138 -16.11 0.22 -3.81
CA ARG B 138 -17.20 1.00 -3.26
C ARG B 138 -18.17 1.33 -4.37
N GLU B 139 -19.38 1.72 -3.96
CA GLU B 139 -20.47 2.00 -4.91
C GLU B 139 -20.09 3.01 -5.99
N GLY B 140 -19.14 3.90 -5.71
CA GLY B 140 -18.75 4.88 -6.71
C GLY B 140 -17.80 4.39 -7.78
N ASN B 141 -17.14 3.25 -7.57
CA ASN B 141 -16.17 2.71 -8.52
C ASN B 141 -16.42 1.26 -8.91
N ILE B 142 -17.40 0.59 -8.30
CA ILE B 142 -17.69 -0.81 -8.58
C ILE B 142 -17.76 -1.10 -10.08
N MET B 143 -18.48 -0.28 -10.84
CA MET B 143 -18.62 -0.53 -12.28
C MET B 143 -17.31 -0.37 -13.05
N ALA B 144 -16.52 0.65 -12.74
CA ALA B 144 -15.25 0.82 -13.44
C ALA B 144 -14.33 -0.35 -13.15
N VAL B 145 -14.38 -0.86 -11.92
CA VAL B 145 -13.55 -1.98 -11.52
C VAL B 145 -14.02 -3.26 -12.19
N MET B 146 -15.32 -3.51 -12.17
CA MET B 146 -15.85 -4.71 -12.81
C MET B 146 -15.48 -4.74 -14.29
N ALA B 147 -15.66 -3.63 -14.98
CA ALA B 147 -15.34 -3.57 -16.41
C ALA B 147 -13.85 -3.76 -16.65
N THR B 148 -13.02 -3.17 -15.79
CA THR B 148 -11.59 -3.34 -15.98
C THR B 148 -11.15 -4.77 -15.69
N ALA B 149 -11.74 -5.39 -14.66
CA ALA B 149 -11.41 -6.78 -14.35
C ALA B 149 -11.81 -7.68 -15.50
N MET B 150 -12.87 -7.32 -16.19
CA MET B 150 -13.30 -8.07 -17.35
C MET B 150 -12.27 -7.91 -18.46
N TYR B 151 -11.81 -6.69 -18.68
CA TYR B 151 -10.81 -6.46 -19.71
C TYR B 151 -9.50 -7.15 -19.35
N LEU B 152 -9.10 -7.10 -18.08
CA LEU B 152 -7.87 -7.74 -17.61
C LEU B 152 -8.03 -9.23 -17.37
N GLN B 153 -9.24 -9.76 -17.51
CA GLN B 153 -9.52 -11.18 -17.29
C GLN B 153 -9.17 -11.63 -15.88
N MET B 154 -9.83 -10.99 -14.91
CA MET B 154 -9.66 -11.29 -13.51
C MET B 154 -11.01 -11.85 -13.08
N GLU B 155 -11.23 -13.10 -13.45
CA GLU B 155 -12.51 -13.77 -13.23
C GLU B 155 -13.00 -13.70 -11.79
N HIS B 156 -12.12 -13.93 -10.81
CA HIS B 156 -12.56 -13.89 -9.43
C HIS B 156 -12.92 -12.47 -9.01
N VAL B 157 -12.28 -11.48 -9.60
CA VAL B 157 -12.61 -10.10 -9.27
C VAL B 157 -13.97 -9.74 -9.83
N VAL B 158 -14.23 -10.11 -11.08
CA VAL B 158 -15.52 -9.88 -11.69
C VAL B 158 -16.61 -10.60 -10.90
N ASP B 159 -16.33 -11.82 -10.45
CA ASP B 159 -17.29 -12.57 -9.65
C ASP B 159 -17.60 -11.84 -8.34
N THR B 160 -16.59 -11.21 -7.75
CA THR B 160 -16.84 -10.50 -6.52
C THR B 160 -17.57 -9.18 -6.78
N CYS B 161 -17.34 -8.55 -7.94
CA CYS B 161 -18.12 -7.36 -8.27
C CYS B 161 -19.57 -7.76 -8.47
N ARG B 162 -19.79 -8.96 -8.99
CA ARG B 162 -21.15 -9.48 -9.18
C ARG B 162 -21.83 -9.70 -7.84
N LYS B 163 -21.08 -10.22 -6.86
CA LYS B 163 -21.67 -10.46 -5.55
C LYS B 163 -21.88 -9.14 -4.81
N PHE B 164 -21.05 -8.14 -5.11
CA PHE B 164 -21.14 -6.85 -4.44
C PHE B 164 -22.46 -6.16 -4.74
N ILE B 165 -22.78 -5.97 -6.02
CA ILE B 165 -24.02 -5.31 -6.36
C ILE B 165 -25.21 -6.23 -6.11
N LYS B 166 -24.95 -7.53 -5.96
CA LYS B 166 -26.02 -8.47 -5.62
C LYS B 166 -26.41 -8.30 -4.16
N ALA B 167 -25.44 -8.01 -3.31
CA ALA B 167 -25.70 -7.82 -1.89
C ALA B 167 -26.11 -6.39 -1.58
N SER B 168 -25.63 -5.42 -2.35
CA SER B 168 -25.97 -4.03 -2.12
C SER B 168 -27.21 -3.64 -2.91
N SER C 47 -6.52 -28.27 0.60
CA SER C 47 -5.63 -27.69 -0.39
C SER C 47 -5.57 -28.55 -1.66
N CYS C 48 -4.84 -29.66 -1.58
CA CYS C 48 -4.67 -30.56 -2.70
C CYS C 48 -4.78 -31.98 -2.21
N ILE C 49 -4.60 -32.92 -3.14
CA ILE C 49 -4.78 -34.34 -2.83
C ILE C 49 -3.49 -35.09 -3.12
N GLN C 50 -3.00 -35.81 -2.11
CA GLN C 50 -1.76 -36.56 -2.18
C GLN C 50 -2.01 -38.00 -2.63
N PHE C 51 -1.30 -38.42 -3.67
CA PHE C 51 -1.39 -39.79 -4.18
C PHE C 51 -0.20 -40.57 -3.63
N THR C 52 -0.46 -41.35 -2.59
CA THR C 52 0.59 -42.09 -1.91
C THR C 52 1.27 -43.12 -2.81
N ARG C 53 0.51 -43.78 -3.69
CA ARG C 53 1.06 -44.82 -4.54
C ARG C 53 1.33 -44.38 -5.97
N HIS C 54 1.23 -43.09 -6.29
CA HIS C 54 1.51 -42.65 -7.65
C HIS C 54 2.95 -42.90 -8.06
N ALA C 55 3.89 -42.48 -7.22
CA ALA C 55 5.30 -42.64 -7.53
C ALA C 55 5.68 -44.10 -7.79
N SER C 56 5.10 -45.02 -7.03
CA SER C 56 5.41 -46.43 -7.24
C SER C 56 4.84 -46.91 -8.57
N ASP C 57 3.68 -46.41 -8.95
CA ASP C 57 3.10 -46.78 -10.23
C ASP C 57 3.92 -46.23 -11.39
N VAL C 58 4.50 -45.05 -11.19
CA VAL C 58 5.33 -44.46 -12.22
C VAL C 58 6.59 -45.28 -12.41
N LEU C 59 7.24 -45.60 -11.30
CA LEU C 59 8.46 -46.39 -11.36
C LEU C 59 8.20 -47.75 -11.97
N LEU C 60 7.05 -48.34 -11.66
CA LEU C 60 6.70 -49.64 -12.22
C LEU C 60 6.53 -49.56 -13.73
N ASN C 61 5.88 -48.50 -14.21
CA ASN C 61 5.71 -48.36 -15.65
C ASN C 61 7.05 -48.08 -16.33
N LEU C 62 7.95 -47.37 -15.65
CA LEU C 62 9.26 -47.11 -16.21
C LEU C 62 10.05 -48.40 -16.33
N ASN C 63 9.88 -49.28 -15.36
CA ASN C 63 10.54 -50.58 -15.40
C ASN C 63 9.98 -51.42 -16.53
N ARG C 64 8.68 -51.28 -16.78
CA ARG C 64 8.06 -52.02 -17.86
C ARG C 64 8.60 -51.54 -19.21
N LEU C 65 8.84 -50.24 -19.34
CA LEU C 65 9.40 -49.73 -20.59
C LEU C 65 10.83 -50.18 -20.77
N ARG C 66 11.60 -50.21 -19.68
CA ARG C 66 12.98 -50.65 -19.74
C ARG C 66 13.06 -52.11 -20.14
N SER C 67 12.16 -52.93 -19.62
CA SER C 67 12.12 -54.35 -19.93
C SER C 67 11.79 -54.56 -21.40
N ARG C 68 11.00 -53.68 -21.97
CA ARG C 68 10.59 -53.74 -23.37
C ARG C 68 11.50 -52.90 -24.26
N ASP C 69 12.56 -52.32 -23.71
CA ASP C 69 13.50 -51.52 -24.48
C ASP C 69 12.86 -50.32 -25.16
N ILE C 70 11.87 -49.72 -24.52
CA ILE C 70 11.20 -48.54 -25.07
C ILE C 70 11.89 -47.28 -24.60
N LEU C 71 12.41 -46.50 -25.55
CA LEU C 71 13.07 -45.23 -25.30
C LEU C 71 14.30 -45.35 -24.42
N THR C 72 14.92 -46.52 -24.36
CA THR C 72 16.16 -46.65 -23.62
C THR C 72 17.24 -46.05 -24.49
N ASP C 73 17.73 -44.87 -24.10
CA ASP C 73 18.66 -44.09 -24.89
C ASP C 73 20.11 -44.23 -24.49
N VAL C 74 20.45 -45.16 -23.59
CA VAL C 74 21.84 -45.26 -23.20
C VAL C 74 22.20 -46.71 -22.93
N VAL C 75 23.45 -47.02 -23.26
CA VAL C 75 24.06 -48.33 -23.06
C VAL C 75 25.21 -48.17 -22.09
N ILE C 76 25.12 -48.87 -20.98
CA ILE C 76 26.13 -48.87 -19.93
C ILE C 76 26.99 -50.11 -20.13
N VAL C 77 28.28 -49.90 -20.33
CA VAL C 77 29.21 -50.98 -20.57
C VAL C 77 30.01 -51.17 -19.31
N VAL C 78 29.82 -52.32 -18.70
CA VAL C 78 30.53 -52.75 -17.50
C VAL C 78 31.30 -53.99 -17.92
N SER C 79 32.62 -53.93 -17.82
CA SER C 79 33.48 -55.03 -18.25
C SER C 79 32.98 -55.56 -19.59
N ARG C 80 32.47 -56.79 -19.69
CA ARG C 80 31.96 -57.27 -20.97
C ARG C 80 30.45 -57.20 -21.13
N GLU C 81 29.73 -56.68 -20.14
CA GLU C 81 28.29 -56.68 -20.15
C GLU C 81 27.73 -55.33 -20.55
N GLN C 82 26.54 -55.37 -21.15
CA GLN C 82 25.85 -54.20 -21.62
C GLN C 82 24.49 -54.10 -20.94
N PHE C 83 24.14 -52.89 -20.52
CA PHE C 83 22.88 -52.62 -19.83
C PHE C 83 22.23 -51.40 -20.44
N ARG C 84 21.03 -51.57 -20.99
CA ARG C 84 20.30 -50.46 -21.57
C ARG C 84 19.39 -49.86 -20.52
N ALA C 85 19.44 -48.55 -20.37
CA ALA C 85 18.59 -47.90 -19.37
C ALA C 85 18.21 -46.51 -19.86
N HIS C 86 17.40 -45.84 -19.06
CA HIS C 86 16.98 -44.48 -19.35
C HIS C 86 17.87 -43.49 -18.61
N LYS C 87 18.36 -42.48 -19.34
CA LYS C 87 19.24 -41.49 -18.74
C LYS C 87 18.61 -40.77 -17.56
N THR C 88 17.33 -40.43 -17.67
CA THR C 88 16.68 -39.70 -16.59
C THR C 88 16.61 -40.50 -15.30
N VAL C 89 16.36 -41.79 -15.40
CA VAL C 89 16.31 -42.59 -14.18
C VAL C 89 17.68 -42.70 -13.56
N LEU C 90 18.70 -42.85 -14.41
CA LEU C 90 20.06 -42.95 -13.90
C LEU C 90 20.42 -41.70 -13.14
N MET C 91 20.13 -40.53 -13.71
CA MET C 91 20.44 -39.30 -13.02
C MET C 91 19.63 -39.18 -11.74
N ALA C 92 18.37 -39.58 -11.77
CA ALA C 92 17.50 -39.46 -10.62
C ALA C 92 17.98 -40.29 -9.45
N CYS C 93 18.63 -41.42 -9.72
CA CYS C 93 19.06 -42.29 -8.65
C CYS C 93 20.56 -42.31 -8.44
N SER C 94 21.36 -41.78 -9.38
CA SER C 94 22.81 -41.82 -9.23
C SER C 94 23.45 -40.45 -9.36
N GLY C 95 24.35 -40.16 -8.43
CA GLY C 95 25.10 -38.91 -8.44
C GLY C 95 26.17 -38.89 -9.50
N LEU C 96 26.78 -40.04 -9.78
CA LEU C 96 27.80 -40.12 -10.81
C LEU C 96 27.16 -39.86 -12.17
N PHE C 97 26.07 -40.54 -12.44
CA PHE C 97 25.37 -40.35 -13.69
C PHE C 97 24.80 -38.94 -13.74
N TYR C 98 24.47 -38.37 -12.60
CA TYR C 98 23.99 -37.00 -12.59
C TYR C 98 25.10 -36.06 -13.04
N SER C 99 26.28 -36.22 -12.43
CA SER C 99 27.43 -35.40 -12.78
C SER C 99 27.81 -35.57 -14.26
N ILE C 100 27.64 -36.78 -14.78
CA ILE C 100 28.01 -37.04 -16.17
C ILE C 100 27.01 -36.43 -17.13
N PHE C 101 25.73 -36.76 -16.98
CA PHE C 101 24.70 -36.31 -17.89
C PHE C 101 24.34 -34.86 -17.68
N THR C 102 24.74 -34.27 -16.56
CA THR C 102 24.50 -32.86 -16.37
C THR C 102 25.43 -32.08 -17.30
N ASP C 103 26.63 -32.60 -17.51
CA ASP C 103 27.58 -32.01 -18.43
C ASP C 103 27.03 -32.09 -19.84
N GLN C 104 26.96 -30.95 -20.53
CA GLN C 104 26.42 -30.93 -21.88
C GLN C 104 27.32 -31.68 -22.85
N LEU C 105 28.58 -31.90 -22.48
CA LEU C 105 29.49 -32.66 -23.33
C LEU C 105 29.19 -34.15 -23.29
N LYS C 106 28.62 -34.63 -22.19
CA LYS C 106 28.32 -36.04 -22.02
C LYS C 106 26.82 -36.32 -21.95
N CYS C 107 25.99 -35.30 -22.17
CA CYS C 107 24.55 -35.52 -22.26
C CYS C 107 24.22 -36.53 -23.34
N ASN C 108 24.59 -36.22 -24.58
CA ASN C 108 24.17 -36.99 -25.75
C ASN C 108 24.98 -38.25 -25.96
N LEU C 109 25.78 -38.66 -24.98
CA LEU C 109 26.56 -39.88 -25.12
C LEU C 109 25.65 -41.10 -25.07
N SER C 110 25.62 -41.84 -26.18
CA SER C 110 24.79 -43.03 -26.29
C SER C 110 25.39 -44.22 -25.55
N VAL C 111 26.72 -44.25 -25.41
CA VAL C 111 27.42 -45.35 -24.75
C VAL C 111 28.30 -44.79 -23.64
N ILE C 112 28.09 -45.29 -22.43
CA ILE C 112 28.86 -44.91 -21.26
C ILE C 112 29.70 -46.11 -20.84
N ASN C 113 31.02 -45.98 -20.95
CA ASN C 113 31.96 -47.05 -20.60
C ASN C 113 32.47 -46.83 -19.18
N LEU C 114 32.00 -47.64 -18.25
CA LEU C 114 32.48 -47.54 -16.89
C LEU C 114 33.82 -48.27 -16.75
N ASP C 115 34.48 -48.01 -15.64
CA ASP C 115 35.77 -48.65 -15.43
C ASP C 115 35.58 -50.17 -15.36
N PRO C 116 36.45 -50.96 -15.98
CA PRO C 116 36.27 -52.41 -15.96
C PRO C 116 36.38 -53.00 -14.57
N GLU C 117 36.85 -52.23 -13.60
CA GLU C 117 36.95 -52.70 -12.23
C GLU C 117 35.60 -52.82 -11.53
N ILE C 118 34.60 -52.09 -11.97
CA ILE C 118 33.30 -52.13 -11.32
C ILE C 118 32.67 -53.52 -11.48
N ASN C 119 32.28 -54.10 -10.35
CA ASN C 119 31.67 -55.42 -10.31
C ASN C 119 30.30 -55.41 -10.96
N PRO C 120 30.07 -56.25 -11.97
CA PRO C 120 28.75 -56.28 -12.62
C PRO C 120 27.62 -56.64 -11.68
N GLU C 121 27.83 -57.52 -10.71
CA GLU C 121 26.73 -57.86 -9.81
C GLU C 121 26.32 -56.66 -8.98
N GLY C 122 27.27 -55.82 -8.61
CA GLY C 122 26.93 -54.61 -7.86
C GLY C 122 26.10 -53.67 -8.70
N PHE C 123 26.47 -53.53 -9.98
CA PHE C 123 25.76 -52.67 -10.91
C PHE C 123 24.38 -53.16 -11.28
N CYS C 124 24.21 -54.45 -11.60
CA CYS C 124 22.90 -54.89 -12.03
C CYS C 124 21.93 -54.98 -10.87
N ILE C 125 22.40 -55.40 -9.69
CA ILE C 125 21.53 -55.35 -8.52
C ILE C 125 21.09 -53.91 -8.27
N LEU C 126 22.02 -52.98 -8.41
CA LEU C 126 21.68 -51.58 -8.19
C LEU C 126 20.78 -51.02 -9.28
N LEU C 127 20.95 -51.47 -10.52
CA LEU C 127 20.09 -50.98 -11.57
C LEU C 127 18.67 -51.47 -11.35
N ASP C 128 18.51 -52.72 -10.93
CA ASP C 128 17.19 -53.23 -10.65
C ASP C 128 16.58 -52.46 -9.49
N PHE C 129 17.36 -52.20 -8.45
CA PHE C 129 16.88 -51.43 -7.30
C PHE C 129 16.44 -50.03 -7.71
N MET C 130 17.18 -49.43 -8.65
CA MET C 130 16.88 -48.08 -9.10
C MET C 130 15.50 -47.98 -9.71
N TYR C 131 15.06 -49.04 -10.40
CA TYR C 131 13.78 -49.07 -11.06
C TYR C 131 12.71 -49.78 -10.24
N THR C 132 13.09 -50.48 -9.17
CA THR C 132 12.15 -51.23 -8.37
C THR C 132 12.11 -50.84 -6.90
N SER C 133 13.12 -50.17 -6.40
CA SER C 133 13.26 -49.81 -4.99
C SER C 133 13.53 -51.00 -4.09
N ARG C 134 13.74 -52.18 -4.66
CA ARG C 134 14.04 -53.40 -3.91
C ARG C 134 15.50 -53.75 -4.15
N LEU C 135 16.27 -53.81 -3.08
CA LEU C 135 17.69 -54.10 -3.17
C LEU C 135 17.97 -55.51 -2.69
N ASN C 136 18.51 -56.34 -3.58
CA ASN C 136 18.85 -57.73 -3.27
C ASN C 136 20.25 -57.76 -2.66
N LEU C 137 20.29 -57.50 -1.36
CA LEU C 137 21.54 -57.47 -0.60
C LEU C 137 21.70 -58.74 0.22
N ARG C 138 22.73 -59.52 -0.08
CA ARG C 138 23.01 -60.73 0.67
C ARG C 138 24.51 -60.77 0.96
N GLU C 139 24.86 -61.59 1.95
CA GLU C 139 26.24 -61.71 2.40
C GLU C 139 27.23 -62.00 1.28
N GLY C 140 26.79 -62.65 0.21
CA GLY C 140 27.70 -62.95 -0.89
C GLY C 140 27.99 -61.81 -1.85
N ASN C 141 27.17 -60.76 -1.83
CA ASN C 141 27.35 -59.62 -2.74
C ASN C 141 27.40 -58.27 -2.06
N ILE C 142 27.17 -58.21 -0.74
CA ILE C 142 27.17 -56.95 0.01
C ILE C 142 28.36 -56.07 -0.33
N MET C 143 29.57 -56.62 -0.35
CA MET C 143 30.76 -55.82 -0.62
C MET C 143 30.80 -55.28 -2.05
N ALA C 144 30.44 -56.09 -3.04
CA ALA C 144 30.45 -55.59 -4.41
C ALA C 144 29.43 -54.48 -4.59
N VAL C 145 28.31 -54.60 -3.90
CA VAL C 145 27.27 -53.59 -3.98
C VAL C 145 27.70 -52.32 -3.27
N MET C 146 28.24 -52.44 -2.07
CA MET C 146 28.70 -51.27 -1.34
C MET C 146 29.73 -50.50 -2.13
N ALA C 147 30.70 -51.21 -2.71
CA ALA C 147 31.75 -50.55 -3.50
C ALA C 147 31.17 -49.90 -4.74
N THR C 148 30.22 -50.55 -5.39
CA THR C 148 29.63 -49.96 -6.57
C THR C 148 28.78 -48.75 -6.22
N ALA C 149 28.05 -48.81 -5.10
CA ALA C 149 27.24 -47.66 -4.69
C ALA C 149 28.14 -46.50 -4.36
N MET C 150 29.34 -46.78 -3.87
CA MET C 150 30.29 -45.73 -3.60
C MET C 150 30.76 -45.11 -4.91
N TYR C 151 31.05 -45.96 -5.90
CA TYR C 151 31.48 -45.43 -7.19
C TYR C 151 30.35 -44.67 -7.86
N LEU C 152 29.12 -45.17 -7.78
CA LEU C 152 27.96 -44.50 -8.36
C LEU C 152 27.43 -43.36 -7.51
N GLN C 153 27.98 -43.16 -6.32
CA GLN C 153 27.55 -42.10 -5.41
C GLN C 153 26.09 -42.25 -5.01
N MET C 154 25.78 -43.39 -4.41
CA MET C 154 24.44 -43.69 -3.93
C MET C 154 24.60 -43.75 -2.41
N GLU C 155 24.68 -42.57 -1.81
CA GLU C 155 24.92 -42.42 -0.39
C GLU C 155 23.99 -43.24 0.49
N HIS C 156 22.70 -43.24 0.19
CA HIS C 156 21.77 -44.01 1.03
C HIS C 156 21.98 -45.49 0.87
N VAL C 157 22.44 -45.93 -0.31
CA VAL C 157 22.71 -47.34 -0.50
C VAL C 157 23.94 -47.76 0.29
N VAL C 158 24.99 -46.95 0.23
CA VAL C 158 26.19 -47.22 0.99
C VAL C 158 25.86 -47.23 2.49
N ASP C 159 25.03 -46.31 2.93
CA ASP C 159 24.62 -46.27 4.33
C ASP C 159 23.89 -47.54 4.73
N THR C 160 23.07 -48.08 3.82
CA THR C 160 22.37 -49.31 4.15
C THR C 160 23.31 -50.50 4.11
N CYS C 161 24.33 -50.48 3.25
CA CYS C 161 25.30 -51.57 3.28
C CYS C 161 26.08 -51.51 4.59
N ARG C 162 26.29 -50.30 5.10
CA ARG C 162 26.96 -50.13 6.39
C ARG C 162 26.11 -50.70 7.52
N LYS C 163 24.80 -50.48 7.46
CA LYS C 163 23.94 -51.01 8.51
C LYS C 163 23.79 -52.52 8.38
N PHE C 164 23.90 -53.04 7.16
CA PHE C 164 23.75 -54.47 6.91
C PHE C 164 24.83 -55.28 7.61
N ILE C 165 26.10 -54.95 7.35
CA ILE C 165 27.17 -55.70 7.99
C ILE C 165 27.28 -55.32 9.46
N LYS C 166 26.68 -54.20 9.85
CA LYS C 166 26.66 -53.82 11.26
C LYS C 166 25.69 -54.70 12.04
N ALA C 167 24.59 -55.08 11.39
CA ALA C 167 23.59 -55.93 12.02
C ALA C 167 23.93 -57.40 11.86
N SER C 168 24.59 -57.77 10.77
CA SER C 168 24.96 -59.16 10.54
C SER C 168 26.33 -59.46 11.13
N SER D 47 13.11 -61.07 3.97
CA SER D 47 13.33 -61.19 2.53
C SER D 47 14.14 -60.01 1.99
N CYS D 48 13.46 -58.87 1.84
CA CYS D 48 14.09 -57.67 1.31
C CYS D 48 13.62 -56.47 2.13
N ILE D 49 14.07 -55.29 1.73
CA ILE D 49 13.79 -54.07 2.48
C ILE D 49 13.06 -53.08 1.59
N GLN D 50 11.91 -52.62 2.05
CA GLN D 50 11.05 -51.70 1.32
C GLN D 50 11.38 -50.25 1.68
N PHE D 51 11.64 -49.44 0.65
CA PHE D 51 11.92 -48.01 0.83
C PHE D 51 10.63 -47.25 0.51
N THR D 52 9.94 -46.85 1.57
CA THR D 52 8.65 -46.18 1.43
C THR D 52 8.75 -44.85 0.71
N ARG D 53 9.83 -44.09 0.94
CA ARG D 53 9.98 -42.77 0.34
C ARG D 53 10.91 -42.73 -0.86
N HIS D 54 11.38 -43.87 -1.36
CA HIS D 54 12.26 -43.85 -2.52
C HIS D 54 11.58 -43.27 -3.76
N ALA D 55 10.39 -43.76 -4.08
CA ALA D 55 9.68 -43.30 -5.26
C ALA D 55 9.45 -41.80 -5.25
N SER D 56 9.15 -41.23 -4.08
CA SER D 56 8.94 -39.79 -4.01
C SER D 56 10.24 -39.04 -4.23
N ASP D 57 11.35 -39.59 -3.76
CA ASP D 57 12.64 -38.95 -3.98
C ASP D 57 13.03 -39.01 -5.45
N VAL D 58 12.64 -40.09 -6.12
CA VAL D 58 12.94 -40.22 -7.55
C VAL D 58 12.15 -39.20 -8.34
N LEU D 59 10.85 -39.12 -8.06
CA LEU D 59 10.00 -38.17 -8.75
C LEU D 59 10.47 -36.74 -8.50
N LEU D 60 10.93 -36.44 -7.29
CA LEU D 60 11.41 -35.12 -6.97
C LEU D 60 12.66 -34.78 -7.77
N ASN D 61 13.57 -35.74 -7.91
CA ASN D 61 14.78 -35.48 -8.70
C ASN D 61 14.43 -35.35 -10.17
N LEU D 62 13.43 -36.09 -10.64
CA LEU D 62 13.00 -35.96 -12.03
C LEU D 62 12.43 -34.57 -12.30
N ASN D 63 11.70 -34.05 -11.32
CA ASN D 63 11.15 -32.71 -11.44
C ASN D 63 12.25 -31.67 -11.44
N ARG D 64 13.30 -31.94 -10.67
CA ARG D 64 14.44 -31.02 -10.64
C ARG D 64 15.14 -31.00 -11.98
N LEU D 65 15.24 -32.16 -12.65
CA LEU D 65 15.86 -32.19 -13.96
C LEU D 65 15.00 -31.49 -15.00
N ARG D 66 13.69 -31.67 -14.89
CA ARG D 66 12.78 -31.02 -15.82
C ARG D 66 12.84 -29.50 -15.68
N SER D 67 12.94 -29.02 -14.44
CA SER D 67 13.03 -27.59 -14.17
C SER D 67 14.31 -27.03 -14.74
N ARG D 68 15.37 -27.82 -14.77
CA ARG D 68 16.66 -27.42 -15.29
C ARG D 68 16.84 -27.81 -16.75
N ASP D 69 15.80 -28.35 -17.38
CA ASP D 69 15.85 -28.73 -18.79
C ASP D 69 16.92 -29.78 -19.09
N ILE D 70 17.17 -30.68 -18.16
CA ILE D 70 18.16 -31.73 -18.35
C ILE D 70 17.52 -32.97 -18.95
N LEU D 71 17.98 -33.33 -20.15
CA LEU D 71 17.51 -34.51 -20.89
C LEU D 71 16.03 -34.46 -21.23
N THR D 72 15.44 -33.28 -21.29
CA THR D 72 14.05 -33.16 -21.72
C THR D 72 14.08 -33.33 -23.23
N ASP D 73 13.60 -34.47 -23.71
CA ASP D 73 13.68 -34.84 -25.11
C ASP D 73 12.40 -34.60 -25.90
N VAL D 74 11.40 -33.93 -25.33
CA VAL D 74 10.19 -33.71 -26.09
C VAL D 74 9.58 -32.38 -25.75
N VAL D 75 8.96 -31.80 -26.77
CA VAL D 75 8.26 -30.53 -26.71
C VAL D 75 6.80 -30.77 -27.02
N ILE D 76 5.94 -30.45 -26.07
CA ILE D 76 4.50 -30.59 -26.19
C ILE D 76 3.94 -29.24 -26.57
N VAL D 77 3.27 -29.18 -27.70
CA VAL D 77 2.71 -27.94 -28.21
C VAL D 77 1.21 -28.01 -27.98
N VAL D 78 0.74 -27.12 -27.11
CA VAL D 78 -0.66 -26.96 -26.79
C VAL D 78 -1.01 -25.55 -27.23
N SER D 79 -1.94 -25.42 -28.16
CA SER D 79 -2.32 -24.13 -28.72
C SER D 79 -1.05 -23.32 -29.00
N ARG D 80 -0.79 -22.21 -28.31
CA ARG D 80 0.44 -21.46 -28.56
C ARG D 80 1.56 -21.72 -27.56
N GLU D 81 1.35 -22.61 -26.59
CA GLU D 81 2.30 -22.82 -25.52
C GLU D 81 3.13 -24.07 -25.76
N GLN D 82 4.35 -24.04 -25.23
CA GLN D 82 5.31 -25.12 -25.36
C GLN D 82 5.71 -25.63 -23.98
N PHE D 83 5.76 -26.94 -23.84
CA PHE D 83 6.11 -27.59 -22.58
C PHE D 83 7.14 -28.67 -22.83
N ARG D 84 8.31 -28.53 -22.23
CA ARG D 84 9.35 -29.53 -22.38
C ARG D 84 9.24 -30.53 -21.26
N ALA D 85 9.27 -31.82 -21.62
CA ALA D 85 9.15 -32.84 -20.59
C ALA D 85 9.92 -34.07 -21.02
N HIS D 86 9.94 -35.07 -20.14
CA HIS D 86 10.60 -36.33 -20.43
C HIS D 86 9.59 -37.35 -20.94
N LYS D 87 9.92 -38.00 -22.05
CA LYS D 87 9.02 -38.98 -22.64
C LYS D 87 8.65 -40.10 -21.69
N THR D 88 9.61 -40.59 -20.91
CA THR D 88 9.33 -41.69 -20.01
C THR D 88 8.31 -41.32 -18.94
N VAL D 89 8.38 -40.11 -18.41
CA VAL D 89 7.41 -39.73 -17.39
C VAL D 89 6.04 -39.58 -18.02
N LEU D 90 6.00 -39.03 -19.22
CA LEU D 90 4.71 -38.87 -19.88
C LEU D 90 4.05 -40.23 -20.08
N MET D 91 4.81 -41.20 -20.57
CA MET D 91 4.24 -42.52 -20.75
C MET D 91 3.83 -43.14 -19.43
N ALA D 92 4.64 -42.93 -18.39
CA ALA D 92 4.36 -43.53 -17.09
C ALA D 92 3.07 -43.00 -16.49
N CYS D 93 2.72 -41.75 -16.79
CA CYS D 93 1.53 -41.17 -16.20
C CYS D 93 0.38 -40.99 -17.18
N SER D 94 0.63 -41.09 -18.48
CA SER D 94 -0.44 -40.88 -19.46
C SER D 94 -0.60 -42.02 -20.43
N GLY D 95 -1.86 -42.43 -20.62
CA GLY D 95 -2.18 -43.48 -21.56
C GLY D 95 -2.08 -43.03 -23.01
N LEU D 96 -2.42 -41.78 -23.27
CA LEU D 96 -2.33 -41.25 -24.61
C LEU D 96 -0.88 -41.19 -25.04
N PHE D 97 -0.03 -40.64 -24.19
CA PHE D 97 1.38 -40.58 -24.49
C PHE D 97 1.97 -41.97 -24.52
N TYR D 98 1.39 -42.90 -23.77
CA TYR D 98 1.87 -44.28 -23.83
C TYR D 98 1.57 -44.85 -25.20
N SER D 99 0.34 -44.69 -25.66
CA SER D 99 -0.05 -45.18 -26.98
C SER D 99 0.77 -44.54 -28.08
N ILE D 100 1.13 -43.27 -27.91
CA ILE D 100 1.89 -42.57 -28.94
C ILE D 100 3.34 -43.03 -28.96
N PHE D 101 4.02 -42.95 -27.82
CA PHE D 101 5.43 -43.27 -27.74
C PHE D 101 5.69 -44.76 -27.78
N THR D 102 4.67 -45.57 -27.60
CA THR D 102 4.84 -47.00 -27.74
C THR D 102 5.02 -47.33 -29.22
N ASP D 103 4.32 -46.59 -30.08
CA ASP D 103 4.47 -46.73 -31.51
C ASP D 103 5.87 -46.33 -31.93
N GLN D 104 6.56 -47.22 -32.64
CA GLN D 104 7.93 -46.93 -33.06
C GLN D 104 7.97 -45.80 -34.07
N LEU D 105 6.84 -45.50 -34.72
CA LEU D 105 6.78 -44.40 -35.67
C LEU D 105 6.77 -43.06 -34.97
N LYS D 106 6.27 -43.00 -33.74
CA LYS D 106 6.17 -41.77 -32.98
C LYS D 106 7.07 -41.76 -31.76
N CYS D 107 7.90 -42.79 -31.58
CA CYS D 107 8.88 -42.78 -30.50
C CYS D 107 9.78 -41.56 -30.60
N ASN D 108 10.50 -41.43 -31.72
CA ASN D 108 11.55 -40.44 -31.86
C ASN D 108 11.02 -39.06 -32.20
N LEU D 109 9.72 -38.83 -32.08
CA LEU D 109 9.17 -37.52 -32.37
C LEU D 109 9.58 -36.53 -31.30
N SER D 110 10.33 -35.51 -31.72
CA SER D 110 10.82 -34.48 -30.81
C SER D 110 9.73 -33.48 -30.44
N VAL D 111 8.75 -33.28 -31.32
CA VAL D 111 7.67 -32.33 -31.11
C VAL D 111 6.34 -33.04 -31.26
N ILE D 112 5.51 -32.95 -30.24
CA ILE D 112 4.18 -33.53 -30.21
C ILE D 112 3.17 -32.39 -30.22
N ASN D 113 2.40 -32.28 -31.30
CA ASN D 113 1.39 -31.23 -31.45
C ASN D 113 0.03 -31.76 -31.06
N LEU D 114 -0.46 -31.34 -29.89
CA LEU D 114 -1.78 -31.75 -29.46
C LEU D 114 -2.84 -30.90 -30.14
N ASP D 115 -4.07 -31.35 -30.04
CA ASP D 115 -5.15 -30.61 -30.67
C ASP D 115 -5.26 -29.24 -30.02
N PRO D 116 -5.46 -28.18 -30.80
CA PRO D 116 -5.54 -26.83 -30.21
C PRO D 116 -6.72 -26.66 -29.27
N GLU D 117 -7.65 -27.60 -29.28
CA GLU D 117 -8.80 -27.53 -28.38
C GLU D 117 -8.45 -27.83 -26.93
N ILE D 118 -7.38 -28.55 -26.68
CA ILE D 118 -7.01 -28.90 -25.30
C ILE D 118 -6.65 -27.64 -24.52
N ASN D 119 -7.30 -27.48 -23.37
CA ASN D 119 -7.09 -26.33 -22.50
C ASN D 119 -5.70 -26.37 -21.87
N PRO D 120 -4.90 -25.32 -22.06
CA PRO D 120 -3.55 -25.31 -21.47
C PRO D 120 -3.57 -25.41 -19.96
N GLU D 121 -4.53 -24.83 -19.25
CA GLU D 121 -4.51 -24.95 -17.80
C GLU D 121 -4.72 -26.39 -17.36
N GLY D 122 -5.52 -27.14 -18.10
CA GLY D 122 -5.72 -28.54 -17.78
C GLY D 122 -4.42 -29.31 -17.96
N PHE D 123 -3.71 -29.02 -19.04
CA PHE D 123 -2.45 -29.68 -19.34
C PHE D 123 -1.31 -29.32 -18.39
N CYS D 124 -1.12 -28.04 -18.07
CA CYS D 124 0.01 -27.70 -17.21
C CYS D 124 -0.23 -28.10 -15.77
N ILE D 125 -1.46 -27.97 -15.27
CA ILE D 125 -1.77 -28.50 -13.96
C ILE D 125 -1.48 -29.99 -13.92
N LEU D 126 -1.88 -30.70 -14.97
CA LEU D 126 -1.66 -32.13 -15.02
C LEU D 126 -0.19 -32.48 -15.18
N LEU D 127 0.57 -31.68 -15.90
CA LEU D 127 1.99 -31.96 -16.05
C LEU D 127 2.69 -31.78 -14.73
N ASP D 128 2.32 -30.74 -13.98
CA ASP D 128 2.93 -30.56 -12.67
C ASP D 128 2.56 -31.72 -11.76
N PHE D 129 1.29 -32.14 -11.80
CA PHE D 129 0.85 -33.27 -10.98
C PHE D 129 1.61 -34.54 -11.33
N MET D 130 1.89 -34.73 -12.63
CA MET D 130 2.60 -35.92 -13.09
C MET D 130 3.98 -36.04 -12.46
N TYR D 131 4.64 -34.93 -12.24
CA TYR D 131 5.97 -34.88 -11.67
C TYR D 131 5.98 -34.63 -10.18
N THR D 132 4.85 -34.22 -9.61
CA THR D 132 4.77 -33.89 -8.19
C THR D 132 3.75 -34.68 -7.40
N SER D 133 2.79 -35.31 -8.05
CA SER D 133 1.70 -36.04 -7.42
C SER D 133 0.71 -35.12 -6.72
N ARG D 134 0.85 -33.82 -6.85
CA ARG D 134 -0.05 -32.84 -6.25
C ARG D 134 -0.86 -32.21 -7.36
N LEU D 135 -2.17 -32.34 -7.28
CA LEU D 135 -3.08 -31.82 -8.29
C LEU D 135 -3.79 -30.58 -7.77
N ASN D 136 -3.59 -29.46 -8.45
CA ASN D 136 -4.20 -28.17 -8.09
C ASN D 136 -5.59 -28.11 -8.74
N LEU D 137 -6.55 -28.74 -8.08
CA LEU D 137 -7.93 -28.79 -8.56
C LEU D 137 -8.79 -27.80 -7.79
N ARG D 138 -9.33 -26.81 -8.49
CA ARG D 138 -10.23 -25.85 -7.88
C ARG D 138 -11.43 -25.66 -8.80
N GLU D 139 -12.50 -25.11 -8.21
CA GLU D 139 -13.76 -24.92 -8.93
C GLU D 139 -13.61 -24.16 -10.24
N GLY D 140 -12.59 -23.31 -10.36
CA GLY D 140 -12.41 -22.57 -11.60
C GLY D 140 -11.75 -23.32 -12.74
N ASN D 141 -11.09 -24.45 -12.46
CA ASN D 141 -10.39 -25.23 -13.47
C ASN D 141 -10.78 -26.70 -13.51
N ILE D 142 -11.61 -27.17 -12.58
CA ILE D 142 -12.01 -28.57 -12.50
C ILE D 142 -12.43 -29.13 -13.86
N MET D 143 -13.28 -28.41 -14.59
CA MET D 143 -13.76 -28.91 -15.88
C MET D 143 -12.66 -29.00 -16.94
N ALA D 144 -11.78 -28.00 -17.02
CA ALA D 144 -10.70 -28.06 -18.00
C ALA D 144 -9.77 -29.23 -17.69
N VAL D 145 -9.56 -29.49 -16.41
CA VAL D 145 -8.70 -30.58 -16.00
C VAL D 145 -9.36 -31.93 -16.28
N MET D 146 -10.63 -32.06 -15.92
CA MET D 146 -11.33 -33.32 -16.18
C MET D 146 -11.32 -33.66 -17.66
N ALA D 147 -11.61 -32.66 -18.50
CA ALA D 147 -11.63 -32.89 -19.95
C ALA D 147 -10.24 -33.25 -20.46
N THR D 148 -9.21 -32.58 -19.95
CA THR D 148 -7.87 -32.89 -20.42
C THR D 148 -7.43 -34.27 -19.94
N ALA D 149 -7.80 -34.65 -18.72
CA ALA D 149 -7.44 -35.98 -18.23
C ALA D 149 -8.13 -37.04 -19.05
N MET D 150 -9.31 -36.73 -19.55
CA MET D 150 -10.02 -37.65 -20.41
C MET D 150 -9.27 -37.78 -21.73
N TYR D 151 -8.83 -36.65 -22.28
CA TYR D 151 -8.08 -36.70 -23.53
C TYR D 151 -6.76 -37.41 -23.34
N LEU D 152 -6.07 -37.15 -22.23
CA LEU D 152 -4.79 -37.79 -21.93
C LEU D 152 -4.95 -39.19 -21.37
N GLN D 153 -6.16 -39.65 -21.13
CA GLN D 153 -6.44 -40.97 -20.58
C GLN D 153 -5.79 -41.19 -19.22
N MET D 154 -6.17 -40.32 -18.28
CA MET D 154 -5.70 -40.38 -16.91
C MET D 154 -6.93 -40.74 -16.10
N GLU D 155 -7.28 -42.02 -16.16
CA GLU D 155 -8.49 -42.53 -15.53
C GLU D 155 -8.62 -42.16 -14.05
N HIS D 156 -7.55 -42.27 -13.28
CA HIS D 156 -7.67 -41.94 -11.86
C HIS D 156 -7.87 -40.45 -11.65
N VAL D 157 -7.34 -39.64 -12.56
CA VAL D 157 -7.55 -38.20 -12.44
C VAL D 157 -8.99 -37.84 -12.76
N VAL D 158 -9.54 -38.42 -13.82
CA VAL D 158 -10.93 -38.20 -14.16
C VAL D 158 -11.83 -38.67 -13.03
N ASP D 159 -11.49 -39.81 -12.41
CA ASP D 159 -12.27 -40.32 -11.28
C ASP D 159 -12.23 -39.34 -10.12
N THR D 160 -11.10 -38.70 -9.90
CA THR D 160 -11.03 -37.75 -8.81
C THR D 160 -11.75 -36.46 -9.16
N CYS D 161 -11.78 -36.07 -10.43
CA CYS D 161 -12.57 -34.90 -10.81
C CYS D 161 -14.05 -35.21 -10.61
N ARG D 162 -14.43 -36.48 -10.82
CA ARG D 162 -15.81 -36.91 -10.60
C ARG D 162 -16.15 -36.82 -9.12
N LYS D 163 -15.23 -37.21 -8.25
CA LYS D 163 -15.51 -37.15 -6.82
C LYS D 163 -15.50 -35.71 -6.33
N PHE D 164 -14.72 -34.85 -7.00
CA PHE D 164 -14.61 -33.46 -6.59
C PHE D 164 -15.94 -32.73 -6.72
N ILE D 165 -16.53 -32.76 -7.91
CA ILE D 165 -17.80 -32.07 -8.10
C ILE D 165 -18.93 -32.84 -7.40
N LYS D 166 -18.68 -34.11 -7.06
CA LYS D 166 -19.68 -34.87 -6.33
C LYS D 166 -19.73 -34.42 -4.88
N ALA D 167 -18.57 -34.04 -4.33
CA ALA D 167 -18.48 -33.58 -2.96
C ALA D 167 -18.77 -32.10 -2.85
N SER D 168 -18.44 -31.32 -3.88
CA SER D 168 -18.67 -29.88 -3.87
C SER D 168 -20.05 -29.55 -4.43
N SER E 47 -26.41 21.79 12.52
CA SER E 47 -25.29 22.69 12.30
C SER E 47 -24.57 22.37 11.00
N CYS E 48 -23.77 21.30 11.01
CA CYS E 48 -23.00 20.89 9.84
C CYS E 48 -23.08 19.38 9.70
N ILE E 49 -22.38 18.85 8.70
CA ILE E 49 -22.44 17.44 8.39
C ILE E 49 -21.05 16.83 8.47
N GLN E 50 -20.93 15.78 9.28
CA GLN E 50 -19.68 15.09 9.52
C GLN E 50 -19.49 13.93 8.55
N PHE E 51 -18.34 13.93 7.86
CA PHE E 51 -17.99 12.87 6.93
C PHE E 51 -17.03 11.91 7.64
N THR E 52 -17.59 10.79 8.11
CA THR E 52 -16.81 9.83 8.89
C THR E 52 -15.67 9.21 8.10
N ARG E 53 -15.87 8.95 6.81
CA ARG E 53 -14.85 8.30 5.99
C ARG E 53 -14.08 9.25 5.09
N HIS E 54 -14.25 10.56 5.23
CA HIS E 54 -13.49 11.48 4.38
C HIS E 54 -11.99 11.38 4.62
N ALA E 55 -11.57 11.43 5.87
CA ALA E 55 -10.14 11.38 6.19
C ALA E 55 -9.47 10.13 5.65
N SER E 56 -10.17 8.99 5.69
CA SER E 56 -9.58 7.77 5.17
C SER E 56 -9.45 7.83 3.66
N ASP E 57 -10.41 8.47 2.99
CA ASP E 57 -10.33 8.61 1.55
C ASP E 57 -9.19 9.55 1.16
N VAL E 58 -8.94 10.55 1.98
CA VAL E 58 -7.85 11.48 1.71
C VAL E 58 -6.52 10.77 1.85
N LEU E 59 -6.36 10.05 2.94
CA LEU E 59 -5.12 9.32 3.17
C LEU E 59 -4.88 8.29 2.07
N LEU E 60 -5.94 7.65 1.61
CA LEU E 60 -5.82 6.66 0.54
C LEU E 60 -5.34 7.31 -0.75
N ASN E 61 -5.89 8.48 -1.08
CA ASN E 61 -5.46 9.16 -2.28
C ASN E 61 -4.02 9.65 -2.15
N LEU E 62 -3.62 10.05 -0.94
CA LEU E 62 -2.25 10.48 -0.72
C LEU E 62 -1.29 9.32 -0.91
N ASN E 63 -1.71 8.13 -0.48
CA ASN E 63 -0.89 6.93 -0.67
C ASN E 63 -0.79 6.59 -2.14
N ARG E 64 -1.87 6.84 -2.88
CA ARG E 64 -1.85 6.57 -4.32
C ARG E 64 -0.88 7.52 -5.01
N LEU E 65 -0.81 8.77 -4.56
CA LEU E 65 0.13 9.71 -5.16
C LEU E 65 1.56 9.33 -4.82
N ARG E 66 1.78 8.89 -3.59
CA ARG E 66 3.12 8.47 -3.17
C ARG E 66 3.60 7.28 -3.96
N SER E 67 2.69 6.34 -4.21
CA SER E 67 3.02 5.14 -4.98
C SER E 67 3.37 5.51 -6.42
N ARG E 68 2.77 6.56 -6.94
CA ARG E 68 3.00 7.03 -8.29
C ARG E 68 4.05 8.13 -8.33
N ASP E 69 4.69 8.44 -7.20
CA ASP E 69 5.73 9.46 -7.14
C ASP E 69 5.25 10.84 -7.57
N ILE E 70 3.99 11.17 -7.29
CA ILE E 70 3.45 12.47 -7.63
C ILE E 70 3.66 13.46 -6.50
N LEU E 71 4.40 14.52 -6.79
CA LEU E 71 4.69 15.60 -5.85
C LEU E 71 5.44 15.14 -4.60
N THR E 72 6.15 14.03 -4.68
CA THR E 72 6.96 13.60 -3.55
C THR E 72 8.20 14.49 -3.58
N ASP E 73 8.28 15.40 -2.64
CA ASP E 73 9.31 16.42 -2.60
C ASP E 73 10.47 16.10 -1.66
N VAL E 74 10.54 14.91 -1.09
CA VAL E 74 11.64 14.64 -0.18
C VAL E 74 12.07 13.20 -0.30
N VAL E 75 13.37 13.01 -0.11
CA VAL E 75 14.04 11.73 -0.12
C VAL E 75 14.63 11.48 1.25
N ILE E 76 14.21 10.41 1.89
CA ILE E 76 14.66 10.00 3.21
C ILE E 76 15.70 8.92 3.01
N VAL E 77 16.91 9.17 3.49
CA VAL E 77 18.02 8.25 3.33
C VAL E 77 18.22 7.58 4.67
N VAL E 78 17.98 6.29 4.69
CA VAL E 78 18.18 5.44 5.85
C VAL E 78 19.24 4.43 5.44
N SER E 79 20.36 4.42 6.12
CA SER E 79 21.48 3.56 5.78
C SER E 79 21.69 3.59 4.26
N ARG E 80 21.48 2.50 3.53
CA ARG E 80 21.64 2.55 2.08
C ARG E 80 20.33 2.68 1.30
N GLU E 81 19.20 2.80 1.97
CA GLU E 81 17.91 2.82 1.31
C GLU E 81 17.36 4.24 1.18
N GLN E 82 16.57 4.44 0.15
CA GLN E 82 15.96 5.72 -0.16
C GLN E 82 14.44 5.57 -0.16
N PHE E 83 13.76 6.53 0.45
CA PHE E 83 12.30 6.55 0.54
C PHE E 83 11.78 7.91 0.16
N ARG E 84 10.97 7.98 -0.90
CA ARG E 84 10.40 9.24 -1.32
C ARG E 84 9.04 9.40 -0.65
N ALA E 85 8.82 10.57 -0.06
CA ALA E 85 7.54 10.80 0.61
C ALA E 85 7.19 12.28 0.51
N HIS E 86 6.02 12.61 1.04
CA HIS E 86 5.55 13.98 1.08
C HIS E 86 5.87 14.61 2.43
N LYS E 87 6.46 15.81 2.39
CA LYS E 87 6.84 16.49 3.63
C LYS E 87 5.66 16.72 4.56
N THR E 88 4.52 17.09 4.01
CA THR E 88 3.36 17.37 4.85
C THR E 88 2.89 16.15 5.62
N VAL E 89 2.90 14.98 4.98
CA VAL E 89 2.46 13.79 5.69
C VAL E 89 3.46 13.43 6.77
N LEU E 90 4.74 13.60 6.48
CA LEU E 90 5.76 13.29 7.47
C LEU E 90 5.57 14.16 8.71
N MET E 91 5.36 15.46 8.50
CA MET E 91 5.15 16.33 9.64
C MET E 91 3.87 15.96 10.37
N ALA E 92 2.82 15.63 9.62
CA ALA E 92 1.53 15.32 10.24
C ALA E 92 1.61 14.09 11.13
N CYS E 93 2.48 13.15 10.80
CA CYS E 93 2.55 11.92 11.58
C CYS E 93 3.80 11.82 12.43
N SER E 94 4.83 12.64 12.19
CA SER E 94 6.06 12.53 12.95
C SER E 94 6.48 13.84 13.61
N GLY E 95 6.84 13.73 14.89
CA GLY E 95 7.32 14.88 15.63
C GLY E 95 8.72 15.30 15.25
N LEU E 96 9.56 14.32 14.90
CA LEU E 96 10.92 14.63 14.48
C LEU E 96 10.89 15.38 13.17
N PHE E 97 10.12 14.87 12.21
CA PHE E 97 10.00 15.55 10.94
C PHE E 97 9.30 16.87 11.11
N TYR E 98 8.42 16.97 12.11
CA TYR E 98 7.78 18.25 12.38
C TYR E 98 8.81 19.26 12.84
N SER E 99 9.62 18.87 13.81
CA SER E 99 10.68 19.75 14.31
C SER E 99 11.66 20.13 13.22
N ILE E 100 11.93 19.22 12.29
CA ILE E 100 12.88 19.51 11.23
C ILE E 100 12.29 20.46 10.18
N PHE E 101 11.14 20.09 9.63
CA PHE E 101 10.54 20.87 8.56
C PHE E 101 9.89 22.14 9.07
N THR E 102 9.68 22.26 10.38
CA THR E 102 9.17 23.50 10.92
C THR E 102 10.27 24.55 10.84
N ASP E 103 11.51 24.14 11.03
CA ASP E 103 12.66 25.02 10.90
C ASP E 103 12.78 25.49 9.46
N GLN E 104 12.82 26.80 9.26
CA GLN E 104 12.91 27.34 7.90
C GLN E 104 14.23 26.99 7.25
N LEU E 105 15.24 26.64 8.04
CA LEU E 105 16.53 26.25 7.49
C LEU E 105 16.48 24.86 6.88
N LYS E 106 15.59 24.00 7.36
CA LYS E 106 15.46 22.63 6.88
C LYS E 106 14.15 22.38 6.16
N CYS E 107 13.33 23.42 5.96
CA CYS E 107 12.12 23.26 5.17
C CYS E 107 12.44 22.74 3.79
N ASN E 108 13.25 23.49 3.03
CA ASN E 108 13.48 23.23 1.62
C ASN E 108 14.50 22.13 1.38
N LEU E 109 14.86 21.37 2.40
CA LEU E 109 15.80 20.28 2.22
C LEU E 109 15.17 19.15 1.43
N SER E 110 15.73 18.88 0.25
CA SER E 110 15.22 17.83 -0.62
C SER E 110 15.63 16.45 -0.15
N VAL E 111 16.76 16.34 0.54
CA VAL E 111 17.29 15.07 1.03
C VAL E 111 17.51 15.15 2.53
N ILE E 112 16.90 14.23 3.25
CA ILE E 112 17.03 14.13 4.71
C ILE E 112 17.80 12.85 5.02
N ASN E 113 19.01 12.99 5.56
CA ASN E 113 19.86 11.86 5.90
C ASN E 113 19.68 11.52 7.38
N LEU E 114 19.00 10.42 7.66
CA LEU E 114 18.85 9.99 9.03
C LEU E 114 20.08 9.24 9.50
N ASP E 115 20.17 9.04 10.80
CA ASP E 115 21.33 8.36 11.33
C ASP E 115 21.36 6.94 10.78
N PRO E 116 22.54 6.43 10.39
CA PRO E 116 22.60 5.07 9.82
C PRO E 116 22.19 4.00 10.81
N GLU E 117 22.09 4.34 12.09
CA GLU E 117 21.68 3.39 13.11
C GLU E 117 20.21 3.03 13.03
N ILE E 118 19.37 3.89 12.47
CA ILE E 118 17.94 3.61 12.41
C ILE E 118 17.66 2.41 11.51
N ASN E 119 16.94 1.44 12.07
CA ASN E 119 16.58 0.22 11.37
C ASN E 119 15.62 0.50 10.22
N PRO E 120 15.98 0.10 8.99
CA PRO E 120 15.09 0.35 7.86
C PRO E 120 13.74 -0.33 8.00
N GLU E 121 13.65 -1.52 8.59
CA GLU E 121 12.35 -2.15 8.72
C GLU E 121 11.44 -1.35 9.64
N GLY E 122 12.00 -0.72 10.66
CA GLY E 122 11.20 0.11 11.54
C GLY E 122 10.66 1.31 10.80
N PHE E 123 11.50 1.91 9.96
CA PHE E 123 11.13 3.08 9.17
C PHE E 123 10.13 2.78 8.06
N CYS E 124 10.31 1.72 7.30
CA CYS E 124 9.39 1.49 6.18
C CYS E 124 8.04 0.98 6.68
N ILE E 125 8.04 0.14 7.70
CA ILE E 125 6.77 -0.24 8.30
C ILE E 125 6.04 0.99 8.80
N LEU E 126 6.78 1.91 9.44
CA LEU E 126 6.16 3.12 9.96
C LEU E 126 5.73 4.06 8.84
N LEU E 127 6.48 4.11 7.74
CA LEU E 127 6.07 4.98 6.65
C LEU E 127 4.80 4.46 6.02
N ASP E 128 4.68 3.14 5.87
CA ASP E 128 3.44 2.59 5.34
C ASP E 128 2.29 2.87 6.27
N PHE E 129 2.51 2.71 7.58
CA PHE E 129 1.48 2.99 8.56
C PHE E 129 1.04 4.45 8.51
N MET E 130 2.00 5.34 8.29
CA MET E 130 1.71 6.78 8.24
C MET E 130 0.71 7.12 7.14
N TYR E 131 0.79 6.41 6.02
CA TYR E 131 -0.08 6.65 4.88
C TYR E 131 -1.26 5.70 4.84
N THR E 132 -1.27 4.65 5.65
CA THR E 132 -2.33 3.65 5.63
C THR E 132 -3.04 3.46 6.95
N SER E 133 -2.45 3.88 8.06
CA SER E 133 -2.99 3.67 9.40
C SER E 133 -2.93 2.22 9.85
N ARG E 134 -2.32 1.34 9.08
CA ARG E 134 -2.18 -0.06 9.41
C ARG E 134 -0.72 -0.33 9.74
N LEU E 135 -0.47 -0.79 10.95
CA LEU E 135 0.89 -1.06 11.41
C LEU E 135 1.15 -2.55 11.46
N ASN E 136 2.14 -2.99 10.68
CA ASN E 136 2.54 -4.39 10.60
C ASN E 136 3.52 -4.67 11.73
N LEU E 137 2.98 -4.92 12.91
CA LEU E 137 3.77 -5.20 14.11
C LEU E 137 3.77 -6.69 14.41
N ARG E 138 4.94 -7.31 14.36
CA ARG E 138 5.06 -8.72 14.69
C ARG E 138 6.27 -8.90 15.60
N GLU E 139 6.30 -10.04 16.28
CA GLU E 139 7.37 -10.33 17.24
C GLU E 139 8.78 -10.19 16.66
N GLY E 140 8.94 -10.37 15.35
CA GLY E 140 10.25 -10.26 14.75
C GLY E 140 10.74 -8.85 14.49
N ASN E 141 9.84 -7.87 14.49
CA ASN E 141 10.20 -6.47 14.21
C ASN E 141 9.74 -5.48 15.27
N ILE E 142 8.98 -5.92 16.27
CA ILE E 142 8.46 -5.04 17.32
C ILE E 142 9.53 -4.11 17.88
N MET E 143 10.69 -4.64 18.22
CA MET E 143 11.75 -3.81 18.81
C MET E 143 12.31 -2.76 17.84
N ALA E 144 12.52 -3.13 16.58
CA ALA E 144 13.04 -2.16 15.62
C ALA E 144 12.03 -1.04 15.41
N VAL E 145 10.75 -1.40 15.42
CA VAL E 145 9.69 -0.41 15.24
C VAL E 145 9.58 0.48 16.45
N MET E 146 9.58 -0.10 17.64
CA MET E 146 9.49 0.71 18.86
C MET E 146 10.63 1.71 18.93
N ALA E 147 11.85 1.26 18.65
CA ALA E 147 13.01 2.15 18.69
C ALA E 147 12.91 3.23 17.64
N THR E 148 12.44 2.88 16.45
CA THR E 148 12.33 3.89 15.41
C THR E 148 11.22 4.89 15.73
N ALA E 149 10.12 4.42 16.31
CA ALA E 149 9.04 5.34 16.68
C ALA E 149 9.51 6.29 17.76
N MET E 150 10.42 5.82 18.60
CA MET E 150 10.99 6.67 19.61
C MET E 150 11.86 7.73 18.96
N TYR E 151 12.68 7.32 17.99
CA TYR E 151 13.51 8.28 17.30
C TYR E 151 12.67 9.27 16.50
N LEU E 152 11.62 8.79 15.84
CA LEU E 152 10.73 9.64 15.06
C LEU E 152 9.71 10.39 15.92
N GLN E 153 9.67 10.12 17.22
CA GLN E 153 8.74 10.75 18.15
C GLN E 153 7.28 10.50 17.76
N MET E 154 6.94 9.21 17.72
CA MET E 154 5.59 8.76 17.42
C MET E 154 5.10 8.13 18.71
N GLU E 155 4.73 9.01 19.64
CA GLU E 155 4.32 8.59 20.99
C GLU E 155 3.25 7.52 21.00
N HIS E 156 2.22 7.65 20.18
CA HIS E 156 1.16 6.64 20.19
C HIS E 156 1.65 5.32 19.64
N VAL E 157 2.62 5.35 18.73
CA VAL E 157 3.17 4.11 18.20
C VAL E 157 4.00 3.41 19.27
N VAL E 158 4.84 4.16 19.96
CA VAL E 158 5.63 3.61 21.04
C VAL E 158 4.72 3.04 22.12
N ASP E 159 3.62 3.74 22.43
CA ASP E 159 2.66 3.25 23.41
C ASP E 159 2.05 1.93 22.97
N THR E 160 1.79 1.79 21.68
CA THR E 160 1.22 0.54 21.21
C THR E 160 2.26 -0.57 21.19
N CYS E 161 3.53 -0.23 20.95
CA CYS E 161 4.56 -1.26 21.03
C CYS E 161 4.70 -1.71 22.47
N ARG E 162 4.46 -0.80 23.42
CA ARG E 162 4.50 -1.13 24.84
C ARG E 162 3.36 -2.08 25.19
N LYS E 163 2.17 -1.84 24.63
CA LYS E 163 1.05 -2.71 24.92
C LYS E 163 1.21 -4.06 24.23
N PHE E 164 1.91 -4.07 23.09
CA PHE E 164 2.10 -5.29 22.33
C PHE E 164 2.90 -6.33 23.11
N ILE E 165 4.09 -5.95 23.58
CA ILE E 165 4.89 -6.89 24.33
C ILE E 165 4.31 -7.11 25.72
N LYS E 166 3.43 -6.21 26.16
CA LYS E 166 2.76 -6.39 27.44
C LYS E 166 1.71 -7.48 27.33
N ALA E 167 1.06 -7.58 26.18
CA ALA E 167 0.03 -8.58 25.96
C ALA E 167 0.63 -9.89 25.48
N SER E 168 1.74 -9.83 24.75
CA SER E 168 2.39 -11.04 24.24
C SER E 168 3.41 -11.56 25.24
N SER F 47 -3.56 -9.89 12.52
CA SER F 47 -2.76 -9.44 11.39
C SER F 47 -2.05 -8.12 11.72
N CYS F 48 -2.81 -7.02 11.67
CA CYS F 48 -2.27 -5.70 11.93
C CYS F 48 -3.25 -4.92 12.78
N ILE F 49 -2.92 -3.67 13.06
CA ILE F 49 -3.70 -2.84 13.96
C ILE F 49 -4.17 -1.59 13.24
N GLN F 50 -5.48 -1.38 13.25
CA GLN F 50 -6.12 -0.26 12.58
C GLN F 50 -6.27 0.94 13.51
N PHE F 51 -5.77 2.09 13.05
CA PHE F 51 -5.87 3.34 13.81
C PHE F 51 -7.03 4.13 13.22
N THR F 52 -8.17 4.08 13.92
CA THR F 52 -9.38 4.72 13.44
C THR F 52 -9.25 6.24 13.35
N ARG F 53 -8.54 6.87 14.28
CA ARG F 53 -8.42 8.32 14.30
C ARG F 53 -7.10 8.84 13.76
N HIS F 54 -6.25 7.99 13.16
CA HIS F 54 -5.00 8.48 12.61
C HIS F 54 -5.20 9.48 11.48
N ALA F 55 -6.03 9.13 10.51
CA ALA F 55 -6.27 10.01 9.38
C ALA F 55 -6.78 11.38 9.78
N SER F 56 -7.63 11.43 10.81
CA SER F 56 -8.13 12.73 11.26
C SER F 56 -7.02 13.54 11.91
N ASP F 57 -6.11 12.87 12.62
CA ASP F 57 -5.00 13.57 13.24
C ASP F 57 -4.04 14.10 12.19
N VAL F 58 -3.89 13.36 11.09
CA VAL F 58 -3.03 13.80 10.01
C VAL F 58 -3.60 15.03 9.35
N LEU F 59 -4.88 14.96 9.01
CA LEU F 59 -5.54 16.10 8.39
C LEU F 59 -5.50 17.33 9.28
N LEU F 60 -5.65 17.13 10.59
CA LEU F 60 -5.60 18.24 11.52
C LEU F 60 -4.23 18.88 11.54
N ASN F 61 -3.18 18.07 11.52
CA ASN F 61 -1.83 18.64 11.50
C ASN F 61 -1.55 19.33 10.18
N LEU F 62 -2.12 18.82 9.09
CA LEU F 62 -1.95 19.47 7.79
C LEU F 62 -2.62 20.83 7.78
N ASN F 63 -3.77 20.93 8.43
CA ASN F 63 -4.47 22.19 8.54
C ASN F 63 -3.69 23.17 9.39
N ARG F 64 -3.02 22.65 10.42
CA ARG F 64 -2.20 23.51 11.26
C ARG F 64 -1.01 24.05 10.48
N LEU F 65 -0.44 23.26 9.59
CA LEU F 65 0.66 23.75 8.78
C LEU F 65 0.19 24.78 7.77
N ARG F 66 -0.98 24.55 7.20
CA ARG F 66 -1.55 25.49 6.24
C ARG F 66 -1.84 26.83 6.90
N SER F 67 -2.35 26.79 8.13
CA SER F 67 -2.66 28.00 8.87
C SER F 67 -1.40 28.78 9.18
N ARG F 68 -0.29 28.07 9.37
CA ARG F 68 1.00 28.68 9.67
C ARG F 68 1.83 28.90 8.40
N ASP F 69 1.27 28.62 7.22
CA ASP F 69 1.97 28.81 5.96
C ASP F 69 3.25 28.00 5.85
N ILE F 70 3.27 26.80 6.43
CA ILE F 70 4.43 25.93 6.36
C ILE F 70 4.34 25.02 5.14
N LEU F 71 5.31 25.15 4.24
CA LEU F 71 5.43 24.35 3.04
C LEU F 71 4.25 24.49 2.09
N THR F 72 3.52 25.60 2.17
CA THR F 72 2.43 25.84 1.23
C THR F 72 3.10 26.28 -0.06
N ASP F 73 3.09 25.40 -1.06
CA ASP F 73 3.81 25.61 -2.30
C ASP F 73 2.95 26.11 -3.44
N VAL F 74 1.70 26.49 -3.20
CA VAL F 74 0.89 26.96 -4.31
C VAL F 74 -0.05 28.05 -3.85
N VAL F 75 -0.29 28.97 -4.77
CA VAL F 75 -1.19 30.10 -4.62
C VAL F 75 -2.31 29.95 -5.63
N ILE F 76 -3.53 29.87 -5.12
CA ILE F 76 -4.74 29.76 -5.91
C ILE F 76 -5.34 31.13 -6.03
N VAL F 77 -5.49 31.63 -7.24
CA VAL F 77 -6.02 32.95 -7.49
C VAL F 77 -7.43 32.77 -8.01
N VAL F 78 -8.37 33.24 -7.21
CA VAL F 78 -9.80 33.23 -7.53
C VAL F 78 -10.20 34.70 -7.58
N SER F 79 -10.66 35.15 -8.72
CA SER F 79 -11.02 36.56 -8.91
C SER F 79 -9.93 37.43 -8.29
N ARG F 80 -10.21 38.20 -7.23
CA ARG F 80 -9.14 39.01 -6.62
C ARG F 80 -8.52 38.40 -5.37
N GLU F 81 -8.92 37.21 -4.97
CA GLU F 81 -8.47 36.61 -3.74
C GLU F 81 -7.38 35.57 -3.97
N GLN F 82 -6.53 35.41 -2.98
CA GLN F 82 -5.42 34.49 -3.02
C GLN F 82 -5.53 33.49 -1.88
N PHE F 83 -5.29 32.23 -2.17
CA PHE F 83 -5.38 31.14 -1.19
C PHE F 83 -4.13 30.27 -1.30
N ARG F 84 -3.37 30.19 -0.23
CA ARG F 84 -2.19 29.36 -0.22
C ARG F 84 -2.56 27.99 0.31
N ALA F 85 -2.14 26.94 -0.40
CA ALA F 85 -2.47 25.60 0.05
C ALA F 85 -1.36 24.65 -0.37
N HIS F 86 -1.51 23.39 0.02
CA HIS F 86 -0.56 22.35 -0.34
C HIS F 86 -1.05 21.59 -1.58
N LYS F 87 -0.17 21.42 -2.55
CA LYS F 87 -0.54 20.74 -3.78
C LYS F 87 -1.05 19.33 -3.55
N THR F 88 -0.42 18.60 -2.64
CA THR F 88 -0.83 17.23 -2.40
C THR F 88 -2.25 17.13 -1.86
N VAL F 89 -2.64 18.04 -0.96
CA VAL F 89 -3.98 17.98 -0.44
C VAL F 89 -4.98 18.33 -1.53
N LEU F 90 -4.64 19.30 -2.36
CA LEU F 90 -5.53 19.68 -3.43
C LEU F 90 -5.79 18.50 -4.35
N MET F 91 -4.72 17.80 -4.74
CA MET F 91 -4.90 16.64 -5.60
C MET F 91 -5.69 15.56 -4.90
N ALA F 92 -5.43 15.36 -3.61
CA ALA F 92 -6.11 14.30 -2.87
C ALA F 92 -7.59 14.53 -2.78
N CYS F 93 -8.03 15.78 -2.76
CA CYS F 93 -9.45 16.06 -2.61
C CYS F 93 -10.10 16.58 -3.89
N SER F 94 -9.32 17.02 -4.89
CA SER F 94 -9.92 17.57 -6.09
C SER F 94 -9.44 16.88 -7.36
N GLY F 95 -10.39 16.56 -8.22
CA GLY F 95 -10.10 15.95 -9.51
C GLY F 95 -9.50 16.93 -10.50
N LEU F 96 -9.94 18.18 -10.45
CA LEU F 96 -9.40 19.20 -11.34
C LEU F 96 -7.94 19.44 -11.00
N PHE F 97 -7.66 19.63 -9.73
CA PHE F 97 -6.28 19.83 -9.32
C PHE F 97 -5.48 18.58 -9.56
N TYR F 98 -6.12 17.42 -9.50
CA TYR F 98 -5.41 16.19 -9.81
C TYR F 98 -4.99 16.18 -11.26
N SER F 99 -5.93 16.47 -12.15
CA SER F 99 -5.64 16.54 -13.58
C SER F 99 -4.57 17.57 -13.89
N ILE F 100 -4.58 18.69 -13.16
CA ILE F 100 -3.61 19.75 -13.42
C ILE F 100 -2.22 19.36 -12.94
N PHE F 101 -2.10 19.01 -11.67
CA PHE F 101 -0.80 18.70 -11.07
C PHE F 101 -0.27 17.36 -11.49
N THR F 102 -1.11 16.52 -12.08
CA THR F 102 -0.61 15.26 -12.60
C THR F 102 0.22 15.53 -13.85
N ASP F 103 -0.20 16.54 -14.61
CA ASP F 103 0.54 16.97 -15.79
C ASP F 103 1.89 17.53 -15.36
N GLN F 104 2.97 17.00 -15.94
CA GLN F 104 4.30 17.46 -15.56
C GLN F 104 4.54 18.90 -15.99
N LEU F 105 3.74 19.40 -16.94
CA LEU F 105 3.87 20.78 -17.38
C LEU F 105 3.31 21.75 -16.34
N LYS F 106 2.35 21.31 -15.54
CA LYS F 106 1.70 22.15 -14.54
C LYS F 106 2.00 21.70 -13.12
N CYS F 107 2.87 20.70 -12.95
CA CYS F 107 3.30 20.31 -11.61
C CYS F 107 3.90 21.48 -10.87
N ASN F 108 4.98 22.05 -11.42
CA ASN F 108 5.79 23.05 -10.72
C ASN F 108 5.19 24.44 -10.78
N LEU F 109 3.93 24.57 -11.19
CA LEU F 109 3.30 25.88 -11.24
C LEU F 109 3.04 26.39 -9.83
N SER F 110 3.68 27.50 -9.49
CA SER F 110 3.54 28.11 -8.17
C SER F 110 2.23 28.85 -8.02
N VAL F 111 1.68 29.36 -9.13
CA VAL F 111 0.44 30.14 -9.13
C VAL F 111 -0.54 29.51 -10.10
N ILE F 112 -1.72 29.18 -9.60
CA ILE F 112 -2.80 28.61 -10.37
C ILE F 112 -3.92 29.65 -10.46
N ASN F 113 -4.18 30.16 -11.66
CA ASN F 113 -5.22 31.16 -11.89
C ASN F 113 -6.50 30.49 -12.35
N LEU F 114 -7.48 30.41 -11.48
CA LEU F 114 -8.76 29.84 -11.86
C LEU F 114 -9.59 30.86 -12.61
N ASP F 115 -10.65 30.38 -13.24
CA ASP F 115 -11.49 31.29 -14.00
C ASP F 115 -12.11 32.30 -13.04
N PRO F 116 -12.18 33.58 -13.43
CA PRO F 116 -12.75 34.58 -12.51
C PRO F 116 -14.21 34.35 -12.22
N GLU F 117 -14.87 33.47 -12.97
CA GLU F 117 -16.27 33.16 -12.73
C GLU F 117 -16.50 32.33 -11.48
N ILE F 118 -15.50 31.58 -11.02
CA ILE F 118 -15.69 30.74 -9.85
C ILE F 118 -15.93 31.59 -8.60
N ASN F 119 -17.01 31.29 -7.91
CA ASN F 119 -17.39 32.01 -6.70
C ASN F 119 -16.42 31.76 -5.57
N PRO F 120 -15.83 32.81 -5.00
CA PRO F 120 -14.88 32.62 -3.90
C PRO F 120 -15.48 31.93 -2.69
N GLU F 121 -16.75 32.18 -2.36
CA GLU F 121 -17.31 31.50 -1.19
C GLU F 121 -17.39 30.01 -1.41
N GLY F 122 -17.66 29.58 -2.64
CA GLY F 122 -17.69 28.16 -2.93
C GLY F 122 -16.32 27.54 -2.75
N PHE F 123 -15.30 28.25 -3.23
CA PHE F 123 -13.91 27.79 -3.11
C PHE F 123 -13.37 27.77 -1.69
N CYS F 124 -13.58 28.83 -0.92
CA CYS F 124 -12.99 28.83 0.42
C CYS F 124 -13.72 27.88 1.36
N ILE F 125 -15.03 27.80 1.26
CA ILE F 125 -15.75 26.79 2.02
C ILE F 125 -15.23 25.41 1.68
N LEU F 126 -15.02 25.16 0.39
CA LEU F 126 -14.52 23.85 -0.03
C LEU F 126 -13.08 23.63 0.39
N LEU F 127 -12.26 24.68 0.40
CA LEU F 127 -10.88 24.49 0.83
C LEU F 127 -10.83 24.16 2.30
N ASP F 128 -11.67 24.82 3.10
CA ASP F 128 -11.70 24.48 4.52
C ASP F 128 -12.19 23.05 4.71
N PHE F 129 -13.21 22.66 3.96
CA PHE F 129 -13.72 21.29 4.05
C PHE F 129 -12.66 20.28 3.67
N MET F 130 -11.83 20.60 2.67
CA MET F 130 -10.79 19.71 2.20
C MET F 130 -9.80 19.38 3.31
N TYR F 131 -9.51 20.34 4.17
CA TYR F 131 -8.56 20.17 5.25
C TYR F 131 -9.23 19.83 6.57
N THR F 132 -10.54 19.96 6.68
CA THR F 132 -11.25 19.72 7.93
C THR F 132 -12.34 18.66 7.84
N SER F 133 -12.80 18.31 6.65
CA SER F 133 -13.90 17.37 6.44
C SER F 133 -15.25 17.91 6.87
N ARG F 134 -15.31 19.18 7.27
CA ARG F 134 -16.56 19.82 7.68
C ARG F 134 -16.94 20.82 6.61
N LEU F 135 -18.12 20.64 6.05
CA LEU F 135 -18.61 21.49 4.98
C LEU F 135 -19.70 22.42 5.51
N ASN F 136 -19.45 23.73 5.42
CA ASN F 136 -20.39 24.75 5.86
C ASN F 136 -21.37 25.04 4.72
N LEU F 137 -22.39 24.19 4.61
CA LEU F 137 -23.41 24.29 3.58
C LEU F 137 -24.69 24.88 4.15
N ARG F 138 -25.06 26.06 3.66
CA ARG F 138 -26.31 26.69 4.08
C ARG F 138 -27.04 27.20 2.85
N GLU F 139 -28.34 27.45 3.03
CA GLU F 139 -29.20 27.88 1.93
C GLU F 139 -28.67 29.09 1.17
N GLY F 140 -27.87 29.94 1.82
CA GLY F 140 -27.36 31.11 1.15
C GLY F 140 -26.15 30.88 0.25
N ASN F 141 -25.47 29.75 0.40
CA ASN F 141 -24.27 29.43 -0.39
C ASN F 141 -24.31 28.08 -1.10
N ILE F 142 -25.34 27.28 -0.86
CA ILE F 142 -25.46 25.95 -1.45
C ILE F 142 -25.16 25.95 -2.95
N MET F 143 -25.76 26.89 -3.70
CA MET F 143 -25.57 26.92 -5.15
C MET F 143 -24.14 27.27 -5.55
N ALA F 144 -23.51 28.24 -4.88
CA ALA F 144 -22.13 28.58 -5.22
C ALA F 144 -21.21 27.41 -4.94
N VAL F 145 -21.50 26.67 -3.88
CA VAL F 145 -20.69 25.52 -3.51
C VAL F 145 -20.90 24.38 -4.50
N MET F 146 -22.15 24.09 -4.82
CA MET F 146 -22.43 23.03 -5.78
C MET F 146 -21.74 23.30 -7.11
N ALA F 147 -21.85 24.53 -7.61
CA ALA F 147 -21.22 24.87 -8.88
C ALA F 147 -19.72 24.78 -8.80
N THR F 148 -19.13 25.21 -7.69
CA THR F 148 -17.69 25.14 -7.56
C THR F 148 -17.22 23.69 -7.44
N ALA F 149 -17.98 22.86 -6.73
CA ALA F 149 -17.61 21.46 -6.60
C ALA F 149 -17.67 20.78 -7.95
N MET F 150 -18.58 21.24 -8.80
CA MET F 150 -18.68 20.71 -10.15
C MET F 150 -17.45 21.13 -10.93
N TYR F 151 -17.05 22.39 -10.81
CA TYR F 151 -15.86 22.84 -11.51
C TYR F 151 -14.61 22.13 -10.99
N LEU F 152 -14.51 21.96 -9.68
CA LEU F 152 -13.38 21.28 -9.07
C LEU F 152 -13.47 19.77 -9.15
N GLN F 153 -14.57 19.23 -9.65
CA GLN F 153 -14.78 17.79 -9.78
C GLN F 153 -14.72 17.08 -8.43
N MET F 154 -15.61 17.49 -7.55
CA MET F 154 -15.74 16.92 -6.22
C MET F 154 -17.11 16.24 -6.23
N GLU F 155 -17.14 15.08 -6.87
CA GLU F 155 -18.38 14.35 -7.08
C GLU F 155 -19.18 14.11 -5.80
N HIS F 156 -18.52 13.72 -4.71
CA HIS F 156 -19.27 13.48 -3.49
C HIS F 156 -19.82 14.77 -2.90
N VAL F 157 -19.14 15.88 -3.13
CA VAL F 157 -19.65 17.16 -2.65
C VAL F 157 -20.88 17.57 -3.43
N VAL F 158 -20.81 17.44 -4.75
CA VAL F 158 -21.95 17.75 -5.59
C VAL F 158 -23.13 16.86 -5.23
N ASP F 159 -22.87 15.58 -4.96
CA ASP F 159 -23.92 14.65 -4.55
C ASP F 159 -24.56 15.10 -3.24
N THR F 160 -23.76 15.63 -2.32
CA THR F 160 -24.33 16.08 -1.07
C THR F 160 -25.09 17.40 -1.25
N CYS F 161 -24.65 18.24 -2.19
CA CYS F 161 -25.43 19.45 -2.46
C CYS F 161 -26.77 19.06 -3.07
N ARG F 162 -26.78 17.97 -3.84
CA ARG F 162 -28.01 17.46 -4.44
C ARG F 162 -28.95 16.95 -3.35
N LYS F 163 -28.40 16.27 -2.34
CA LYS F 163 -29.25 15.77 -1.27
C LYS F 163 -29.72 16.90 -0.37
N PHE F 164 -28.93 17.97 -0.28
CA PHE F 164 -29.26 19.10 0.58
C PHE F 164 -30.54 19.79 0.11
N ILE F 165 -30.57 20.21 -1.15
CA ILE F 165 -31.76 20.89 -1.64
C ILE F 165 -32.89 19.90 -1.84
N LYS F 166 -32.58 18.60 -1.88
CA LYS F 166 -33.62 17.59 -1.98
C LYS F 166 -34.34 17.44 -0.65
N ALA F 167 -33.61 17.60 0.45
CA ALA F 167 -34.19 17.49 1.78
C ALA F 167 -34.78 18.81 2.24
N SER F 168 -34.20 19.93 1.79
CA SER F 168 -34.69 21.24 2.19
C SER F 168 -35.76 21.73 1.21
N SER G 47 -40.31 43.47 21.29
CA SER G 47 -39.24 44.44 21.52
C SER G 47 -38.22 44.43 20.37
N CYS G 48 -37.37 43.40 20.36
CA CYS G 48 -36.34 43.25 19.35
C CYS G 48 -36.26 41.81 18.92
N ILE G 49 -35.33 41.52 18.02
CA ILE G 49 -35.21 40.20 17.42
C ILE G 49 -33.83 39.63 17.72
N GLN G 50 -33.80 38.44 18.31
CA GLN G 50 -32.58 37.76 18.70
C GLN G 50 -32.09 36.83 17.59
N PHE G 51 -30.83 37.00 17.21
CA PHE G 51 -30.20 36.16 16.19
C PHE G 51 -29.35 35.12 16.91
N THR G 52 -29.90 33.91 17.02
CA THR G 52 -29.25 32.83 17.76
C THR G 52 -27.91 32.42 17.15
N ARG G 53 -27.80 32.42 15.82
CA ARG G 53 -26.59 31.99 15.15
C ARG G 53 -25.71 33.12 14.64
N HIS G 54 -26.01 34.37 14.99
CA HIS G 54 -25.15 35.46 14.53
C HIS G 54 -23.74 35.38 15.08
N ALA G 55 -23.61 35.18 16.39
CA ALA G 55 -22.29 35.12 17.01
C ALA G 55 -21.43 34.01 16.41
N SER G 56 -22.02 32.87 16.07
CA SER G 56 -21.24 31.80 15.48
C SER G 56 -20.78 32.18 14.08
N ASP G 57 -21.62 32.90 13.34
CA ASP G 57 -21.24 33.34 12.01
C ASP G 57 -20.12 34.37 12.07
N VAL G 58 -20.14 35.20 13.12
CA VAL G 58 -19.09 36.19 13.28
C VAL G 58 -17.77 35.51 13.58
N LEU G 59 -17.79 34.59 14.53
CA LEU G 59 -16.59 33.87 14.89
C LEU G 59 -16.03 33.10 13.70
N LEU G 60 -16.92 32.53 12.89
CA LEU G 60 -16.48 31.79 11.72
C LEU G 60 -15.79 32.70 10.71
N ASN G 61 -16.34 33.89 10.51
CA ASN G 61 -15.70 34.82 9.57
C ASN G 61 -14.37 35.33 10.13
N LEU G 62 -14.28 35.47 11.45
CA LEU G 62 -13.03 35.89 12.07
C LEU G 62 -11.96 34.82 11.88
N ASN G 63 -12.37 33.56 11.96
CA ASN G 63 -11.44 32.46 11.74
C ASN G 63 -10.99 32.43 10.30
N ARG G 64 -11.90 32.79 9.39
CA ARG G 64 -11.55 32.82 7.98
C ARG G 64 -10.53 33.92 7.72
N LEU G 65 -10.66 35.05 8.40
CA LEU G 65 -9.68 36.12 8.23
C LEU G 65 -8.33 35.73 8.81
N ARG G 66 -8.35 35.06 9.95
CA ARG G 66 -7.12 34.61 10.58
C ARG G 66 -6.38 33.62 9.70
N SER G 67 -7.14 32.72 9.07
CA SER G 67 -6.56 31.72 8.18
C SER G 67 -5.93 32.37 6.97
N ARG G 68 -6.48 33.48 6.53
CA ARG G 68 -5.99 34.24 5.38
C ARG G 68 -5.05 35.35 5.80
N ASP G 69 -4.71 35.45 7.08
CA ASP G 69 -3.78 36.47 7.58
C ASP G 69 -4.26 37.88 7.32
N ILE G 70 -5.57 38.11 7.37
CA ILE G 70 -6.12 39.44 7.16
C ILE G 70 -6.25 40.18 8.48
N LEU G 71 -5.55 41.30 8.58
CA LEU G 71 -5.56 42.18 9.75
C LEU G 71 -5.07 41.50 11.01
N THR G 72 -4.27 40.45 10.89
CA THR G 72 -3.69 39.82 12.07
C THR G 72 -2.55 40.73 12.50
N ASP G 73 -2.75 41.45 13.60
CA ASP G 73 -1.83 42.47 14.06
C ASP G 73 -0.89 42.01 15.17
N VAL G 74 -0.85 40.72 15.50
CA VAL G 74 0.04 40.31 16.57
C VAL G 74 0.60 38.93 16.28
N VAL G 75 1.84 38.75 16.72
CA VAL G 75 2.59 37.52 16.62
C VAL G 75 2.88 37.02 18.02
N ILE G 76 2.41 35.83 18.32
CA ILE G 76 2.59 35.18 19.61
C ILE G 76 3.74 34.19 19.45
N VAL G 77 4.79 34.38 20.24
CA VAL G 77 5.96 33.54 20.16
C VAL G 77 5.93 32.62 21.37
N VAL G 78 5.79 31.35 21.08
CA VAL G 78 5.79 30.28 22.07
C VAL G 78 6.99 29.42 21.72
N SER G 79 7.93 29.31 22.64
CA SER G 79 9.18 28.57 22.40
C SER G 79 9.70 28.92 21.01
N ARG G 80 9.73 27.98 20.05
CA ARG G 80 10.21 28.34 18.71
C ARG G 80 9.10 28.59 17.69
N GLU G 81 7.85 28.53 18.09
CA GLU G 81 6.73 28.64 17.17
C GLU G 81 6.11 30.04 17.20
N GLN G 82 5.56 30.42 16.06
CA GLN G 82 4.93 31.71 15.89
C GLN G 82 3.47 31.53 15.50
N PHE G 83 2.60 32.32 16.11
CA PHE G 83 1.16 32.26 15.86
C PHE G 83 0.63 33.66 15.63
N ARG G 84 0.07 33.92 14.46
CA ARG G 84 -0.50 35.21 14.17
C ARG G 84 -1.97 35.19 14.52
N ALA G 85 -2.41 36.21 15.25
CA ALA G 85 -3.82 36.26 15.64
C ALA G 85 -4.26 37.70 15.76
N HIS G 86 -5.54 37.89 16.04
CA HIS G 86 -6.10 39.22 16.24
C HIS G 86 -6.14 39.56 17.73
N LYS G 87 -5.65 40.75 18.06
CA LYS G 87 -5.61 41.17 19.45
C LYS G 87 -6.97 41.18 20.12
N THR G 88 -7.99 41.62 19.40
CA THR G 88 -9.33 41.69 19.98
C THR G 88 -9.86 40.31 20.37
N VAL G 89 -9.62 39.30 19.55
CA VAL G 89 -10.10 37.98 19.90
C VAL G 89 -9.35 37.44 21.09
N LEU G 90 -8.05 37.70 21.13
CA LEU G 90 -7.25 37.24 22.26
C LEU G 90 -7.78 37.82 23.55
N MET G 91 -8.03 39.12 23.56
CA MET G 91 -8.56 39.75 24.77
C MET G 91 -9.93 39.20 25.10
N ALA G 92 -10.76 38.99 24.09
CA ALA G 92 -12.12 38.51 24.31
C ALA G 92 -12.15 37.15 24.95
N CYS G 93 -11.16 36.31 24.65
CA CYS G 93 -11.17 34.96 25.18
C CYS G 93 -10.13 34.72 26.26
N SER G 94 -9.14 35.60 26.43
CA SER G 94 -8.10 35.39 27.41
C SER G 94 -7.94 36.54 28.39
N GLY G 95 -7.86 36.19 29.67
CA GLY G 95 -7.64 37.18 30.71
C GLY G 95 -6.23 37.70 30.74
N LEU G 96 -5.26 36.86 30.43
CA LEU G 96 -3.88 37.29 30.40
C LEU G 96 -3.67 38.29 29.27
N PHE G 97 -4.17 37.96 28.10
CA PHE G 97 -4.06 38.87 26.97
C PHE G 97 -4.89 40.11 27.24
N TYR G 98 -5.97 39.98 28.01
CA TYR G 98 -6.75 41.15 28.35
C TYR G 98 -5.93 42.08 29.22
N SER G 99 -5.32 41.53 30.27
CA SER G 99 -4.47 42.32 31.15
C SER G 99 -3.31 42.94 30.41
N ILE G 100 -2.76 42.25 29.41
CA ILE G 100 -1.63 42.78 28.66
C ILE G 100 -2.06 43.90 27.72
N PHE G 101 -3.02 43.63 26.86
CA PHE G 101 -3.43 44.59 25.85
C PHE G 101 -4.28 45.71 26.43
N THR G 102 -4.76 45.54 27.65
CA THR G 102 -5.48 46.64 28.29
C THR G 102 -4.48 47.71 28.67
N ASP G 103 -3.28 47.31 29.05
CA ASP G 103 -2.20 48.24 29.36
C ASP G 103 -1.81 48.99 28.10
N GLN G 104 -1.82 50.32 28.17
CA GLN G 104 -1.49 51.13 27.00
C GLN G 104 -0.03 50.96 26.62
N LEU G 105 0.80 50.48 27.54
CA LEU G 105 2.21 50.25 27.24
C LEU G 105 2.41 49.02 26.38
N LYS G 106 1.49 48.05 26.47
CA LYS G 106 1.59 46.81 25.71
C LYS G 106 0.49 46.67 24.68
N CYS G 107 -0.34 47.69 24.50
CA CYS G 107 -1.34 47.67 23.44
C CYS G 107 -0.68 47.45 22.08
N ASN G 108 0.21 48.36 21.69
CA ASN G 108 0.77 48.41 20.36
C ASN G 108 1.89 47.41 20.14
N LEU G 109 2.07 46.47 21.06
CA LEU G 109 3.13 45.47 20.89
C LEU G 109 2.77 44.50 19.78
N SER G 110 3.59 44.50 18.74
CA SER G 110 3.38 43.64 17.59
C SER G 110 3.77 42.20 17.86
N VAL G 111 4.73 41.98 18.77
CA VAL G 111 5.23 40.66 19.10
C VAL G 111 5.12 40.44 20.60
N ILE G 112 4.43 39.38 20.98
CA ILE G 112 4.25 38.98 22.37
C ILE G 112 5.03 37.69 22.60
N ASN G 113 6.07 37.77 23.43
CA ASN G 113 6.91 36.61 23.74
C ASN G 113 6.45 35.97 25.03
N LEU G 114 5.80 34.82 24.94
CA LEU G 114 5.38 34.11 26.13
C LEU G 114 6.55 33.33 26.71
N ASP G 115 6.37 32.87 27.94
CA ASP G 115 7.43 32.13 28.58
C ASP G 115 7.70 30.85 27.79
N PRO G 116 8.96 30.47 27.60
CA PRO G 116 9.25 29.25 26.81
C PRO G 116 8.73 28.00 27.45
N GLU G 117 8.32 28.07 28.72
CA GLU G 117 7.77 26.90 29.40
C GLU G 117 6.38 26.52 28.93
N ILE G 118 5.62 27.46 28.37
CA ILE G 118 4.27 27.15 27.92
C ILE G 118 4.29 26.15 26.77
N ASN G 119 3.54 25.06 26.95
CA ASN G 119 3.44 24.00 25.97
C ASN G 119 2.74 24.47 24.71
N PRO G 120 3.38 24.36 23.54
CA PRO G 120 2.74 24.79 22.30
C PRO G 120 1.45 24.06 21.99
N GLU G 121 1.34 22.77 22.31
CA GLU G 121 0.09 22.08 22.01
C GLU G 121 -1.06 22.65 22.83
N GLY G 122 -0.79 23.07 24.06
CA GLY G 122 -1.82 23.68 24.87
C GLY G 122 -2.28 25.00 24.26
N PHE G 123 -1.32 25.78 23.78
CA PHE G 123 -1.61 27.07 23.17
C PHE G 123 -2.32 26.97 21.82
N CYS G 124 -1.88 26.09 20.92
CA CYS G 124 -2.52 26.07 19.61
C CYS G 124 -3.90 25.43 19.67
N ILE G 125 -4.06 24.39 20.50
CA ILE G 125 -5.40 23.86 20.70
C ILE G 125 -6.31 24.95 21.24
N LEU G 126 -5.80 25.73 22.20
CA LEU G 126 -6.61 26.79 22.77
C LEU G 126 -6.86 27.92 21.79
N LEU G 127 -5.90 28.23 20.92
CA LEU G 127 -6.12 29.28 19.95
C LEU G 127 -7.19 28.85 18.96
N ASP G 128 -7.16 27.60 18.54
CA ASP G 128 -8.20 27.13 17.64
C ASP G 128 -9.55 27.18 18.33
N PHE G 129 -9.61 26.75 19.60
CA PHE G 129 -10.86 26.79 20.35
C PHE G 129 -11.38 28.22 20.47
N MET G 130 -10.48 29.17 20.65
CA MET G 130 -10.85 30.58 20.82
C MET G 130 -11.60 31.10 19.60
N TYR G 131 -11.23 30.63 18.41
CA TYR G 131 -11.84 31.07 17.18
C TYR G 131 -12.91 30.11 16.68
N THR G 132 -13.02 28.92 17.25
CA THR G 132 -13.97 27.92 16.80
C THR G 132 -14.93 27.44 17.85
N SER G 133 -14.64 27.64 19.13
CA SER G 133 -15.43 27.15 20.24
C SER G 133 -15.36 25.64 20.42
N ARG G 134 -14.53 24.96 19.64
CA ARG G 134 -14.36 23.51 19.72
C ARG G 134 -12.99 23.24 20.33
N LEU G 135 -12.97 22.54 21.44
CA LEU G 135 -11.74 22.23 22.16
C LEU G 135 -11.37 20.78 21.97
N ASN G 136 -10.20 20.53 21.38
CA ASN G 136 -9.69 19.19 21.12
C ASN G 136 -8.96 18.72 22.37
N LEU G 137 -9.73 18.22 23.33
CA LEU G 137 -9.21 17.73 24.60
C LEU G 137 -9.16 16.20 24.61
N ARG G 138 -7.95 15.65 24.71
CA ARG G 138 -7.80 14.20 24.78
C ARG G 138 -6.79 13.89 25.89
N GLU G 139 -6.83 12.63 26.34
CA GLU G 139 -5.98 12.18 27.43
C GLU G 139 -4.51 12.48 27.22
N GLY G 140 -4.05 12.57 25.98
CA GLY G 140 -2.64 12.86 25.74
C GLY G 140 -2.22 14.31 25.87
N ASN G 141 -3.17 15.24 25.86
CA ASN G 141 -2.87 16.67 25.93
C ASN G 141 -3.63 17.41 27.02
N ILE G 142 -4.55 16.75 27.73
CA ILE G 142 -5.36 17.38 28.77
C ILE G 142 -4.51 18.22 29.73
N MET G 143 -3.41 17.67 30.22
CA MET G 143 -2.58 18.40 31.18
C MET G 143 -1.91 19.62 30.59
N ALA G 144 -1.38 19.53 29.37
CA ALA G 144 -0.75 20.70 28.75
C ALA G 144 -1.78 21.79 28.54
N VAL G 145 -3.00 21.40 28.19
CA VAL G 145 -4.06 22.36 27.95
C VAL G 145 -4.51 23.00 29.26
N MET G 146 -4.73 22.18 30.28
CA MET G 146 -5.13 22.72 31.57
C MET G 146 -4.12 23.72 32.10
N ALA G 147 -2.84 23.38 32.02
CA ALA G 147 -1.79 24.28 32.51
C ALA G 147 -1.73 25.55 31.68
N THR G 148 -1.91 25.44 30.37
CA THR G 148 -1.87 26.63 29.55
C THR G 148 -3.09 27.51 29.80
N ALA G 149 -4.26 26.90 29.99
CA ALA G 149 -5.46 27.68 30.28
C ALA G 149 -5.30 28.41 31.60
N MET G 150 -4.58 27.81 32.52
CA MET G 150 -4.31 28.45 33.79
C MET G 150 -3.39 29.65 33.56
N TYR G 151 -2.36 29.47 32.74
CA TYR G 151 -1.47 30.59 32.45
C TYR G 151 -2.19 31.68 31.69
N LEU G 152 -3.04 31.31 30.73
CA LEU G 152 -3.80 32.29 29.95
C LEU G 152 -5.04 32.80 30.68
N GLN G 153 -5.34 32.26 31.86
CA GLN G 153 -6.49 32.67 32.64
C GLN G 153 -7.80 32.45 31.90
N MET G 154 -8.03 31.19 31.53
CA MET G 154 -9.24 30.77 30.85
C MET G 154 -9.96 29.87 31.85
N GLU G 155 -10.59 30.52 32.81
CA GLU G 155 -11.24 29.84 33.92
C GLU G 155 -12.22 28.74 33.49
N HIS G 156 -13.05 29.01 32.48
CA HIS G 156 -14.00 27.99 32.07
C HIS G 156 -13.29 26.82 31.39
N VAL G 157 -12.15 27.07 30.76
CA VAL G 157 -11.42 25.99 30.14
C VAL G 157 -10.78 25.10 31.22
N VAL G 158 -10.17 25.73 32.22
CA VAL G 158 -9.60 24.99 33.33
C VAL G 158 -10.68 24.18 34.03
N ASP G 159 -11.85 24.77 34.21
CA ASP G 159 -12.97 24.07 34.84
C ASP G 159 -13.38 22.84 34.02
N THR G 160 -13.33 22.96 32.70
CA THR G 160 -13.69 21.81 31.88
C THR G 160 -12.58 20.77 31.89
N CYS G 161 -11.32 21.18 32.01
CA CYS G 161 -10.25 20.20 32.13
C CYS G 161 -10.41 19.46 33.46
N ARG G 162 -10.90 20.16 34.49
CA ARG G 162 -11.15 19.54 35.78
C ARG G 162 -12.27 18.50 35.67
N LYS G 163 -13.31 18.83 34.91
CA LYS G 163 -14.41 17.86 34.76
C LYS G 163 -14.00 16.70 33.88
N PHE G 164 -13.07 16.94 32.96
CA PHE G 164 -12.62 15.91 32.03
C PHE G 164 -11.94 14.75 32.77
N ILE G 165 -10.90 15.07 33.57
CA ILE G 165 -10.21 14.02 34.29
C ILE G 165 -11.07 13.51 35.44
N LYS G 166 -12.09 14.27 35.82
CA LYS G 166 -13.00 13.81 36.86
C LYS G 166 -13.93 12.73 36.31
N ALA G 167 -14.30 12.86 35.04
CA ALA G 167 -15.17 11.88 34.40
C ALA G 167 -14.38 10.71 33.82
N SER G 168 -13.13 10.95 33.40
CA SER G 168 -12.31 9.91 32.83
C SER G 168 -11.49 9.22 33.92
N SER H 47 -16.45 13.23 21.15
CA SER H 47 -15.42 13.89 20.35
C SER H 47 -14.90 15.13 21.06
N CYS H 48 -15.69 16.21 21.03
CA CYS H 48 -15.31 17.48 21.64
C CYS H 48 -16.51 18.06 22.35
N ILE H 49 -16.33 19.25 22.91
CA ILE H 49 -17.35 19.87 23.73
C ILE H 49 -17.73 21.23 23.14
N GLN H 50 -19.01 21.42 22.87
CA GLN H 50 -19.55 22.62 22.27
C GLN H 50 -19.97 23.63 23.33
N PHE H 51 -19.45 24.86 23.22
CA PHE H 51 -19.81 25.94 24.13
C PHE H 51 -20.85 26.81 23.43
N THR H 52 -22.11 26.61 23.81
CA THR H 52 -23.22 27.29 23.18
C THR H 52 -23.16 28.81 23.38
N ARG H 53 -22.73 29.26 24.55
CA ARG H 53 -22.71 30.69 24.85
C ARG H 53 -21.32 31.33 24.74
N HIS H 54 -20.32 30.62 24.22
CA HIS H 54 -19.00 31.23 24.10
C HIS H 54 -19.00 32.42 23.15
N ALA H 55 -19.56 32.24 21.95
CA ALA H 55 -19.58 33.30 20.96
C ALA H 55 -20.25 34.56 21.47
N SER H 56 -21.32 34.42 22.25
CA SER H 56 -22.00 35.59 22.79
C SER H 56 -21.12 36.29 23.82
N ASP H 57 -20.37 35.52 24.60
CA ASP H 57 -19.48 36.12 25.59
C ASP H 57 -18.33 36.84 24.90
N VAL H 58 -17.88 36.32 23.76
CA VAL H 58 -16.82 36.97 23.01
C VAL H 58 -17.30 38.30 22.46
N LEU H 59 -18.46 38.26 21.82
CA LEU H 59 -19.03 39.48 21.26
C LEU H 59 -19.28 40.53 22.34
N LEU H 60 -19.71 40.08 23.51
CA LEU H 60 -19.95 41.01 24.61
C LEU H 60 -18.66 41.67 25.07
N ASN H 61 -17.58 40.89 25.16
CA ASN H 61 -16.31 41.48 25.57
C ASN H 61 -15.78 42.41 24.49
N LEU H 62 -16.04 42.10 23.22
CA LEU H 62 -15.60 42.97 22.15
C LEU H 62 -16.34 44.30 22.21
N ASN H 63 -17.61 44.25 22.57
CA ASN H 63 -18.41 45.47 22.72
C ASN H 63 -17.91 46.28 23.89
N ARG H 64 -17.46 45.60 24.94
CA ARG H 64 -16.92 46.29 26.10
C ARG H 64 -15.62 47.00 25.73
N LEU H 65 -14.80 46.39 24.88
CA LEU H 65 -13.57 47.04 24.46
C LEU H 65 -13.86 48.24 23.56
N ARG H 66 -14.85 48.10 22.69
CA ARG H 66 -15.24 49.19 21.80
C ARG H 66 -15.76 50.38 22.60
N SER H 67 -16.53 50.10 23.63
CA SER H 67 -17.09 51.15 24.49
C SER H 67 -15.97 51.87 25.22
N ARG H 68 -14.90 51.18 25.55
CA ARG H 68 -13.76 51.73 26.25
C ARG H 68 -12.67 52.19 25.28
N ASP H 69 -12.92 52.13 23.97
CA ASP H 69 -11.96 52.57 22.97
C ASP H 69 -10.64 51.81 23.03
N ILE H 70 -10.69 50.53 23.37
CA ILE H 70 -9.49 49.71 23.43
C ILE H 70 -9.24 49.03 22.10
N LEU H 71 -8.10 49.36 21.50
CA LEU H 71 -7.65 48.78 20.23
C LEU H 71 -8.58 49.08 19.07
N THR H 72 -9.38 50.13 19.17
CA THR H 72 -10.22 50.52 18.05
C THR H 72 -9.30 51.21 17.05
N ASP H 73 -9.02 50.53 15.94
CA ASP H 73 -8.04 50.98 14.97
C ASP H 73 -8.64 51.67 13.76
N VAL H 74 -9.93 51.96 13.75
CA VAL H 74 -10.49 52.61 12.57
C VAL H 74 -11.58 53.58 12.97
N VAL H 75 -11.65 54.66 12.19
CA VAL H 75 -12.63 55.71 12.33
C VAL H 75 -13.48 55.74 11.07
N ILE H 76 -14.78 55.55 11.24
CA ILE H 76 -15.75 55.55 10.18
C ILE H 76 -16.40 56.92 10.16
N VAL H 77 -16.28 57.62 9.05
CA VAL H 77 -16.82 58.95 8.91
C VAL H 77 -18.07 58.85 8.05
N VAL H 78 -19.19 59.14 8.66
CA VAL H 78 -20.50 59.18 8.02
C VAL H 78 -20.97 60.60 8.13
N SER H 79 -21.18 61.26 7.01
CA SER H 79 -21.57 62.67 6.98
C SER H 79 -20.72 63.44 7.99
N ARG H 80 -21.28 63.99 9.07
CA ARG H 80 -20.45 64.69 10.05
C ARG H 80 -20.09 63.87 11.29
N GLU H 81 -20.50 62.62 11.36
CA GLU H 81 -20.32 61.81 12.55
C GLU H 81 -19.15 60.86 12.40
N GLN H 82 -18.54 60.54 13.53
CA GLN H 82 -17.39 59.66 13.60
C GLN H 82 -17.71 58.47 14.48
N PHE H 83 -17.32 57.29 14.04
CA PHE H 83 -17.56 56.04 14.76
C PHE H 83 -16.28 55.22 14.81
N ARG H 84 -15.78 54.95 16.01
CA ARG H 84 -14.58 54.16 16.16
C ARG H 84 -14.98 52.70 16.34
N ALA H 85 -14.35 51.82 15.58
CA ALA H 85 -14.68 50.41 15.69
C ALA H 85 -13.45 49.58 15.39
N HIS H 86 -13.61 48.26 15.51
CA HIS H 86 -12.54 47.33 15.21
C HIS H 86 -12.68 46.80 13.78
N LYS H 87 -11.59 46.83 13.03
CA LYS H 87 -11.61 46.38 11.65
C LYS H 87 -12.08 44.94 11.50
N THR H 88 -11.64 44.07 12.41
CA THR H 88 -12.00 42.66 12.30
C THR H 88 -13.50 42.45 12.46
N VAL H 89 -14.14 43.17 13.36
CA VAL H 89 -15.57 42.98 13.53
C VAL H 89 -16.30 43.51 12.31
N LEU H 90 -15.83 44.63 11.77
CA LEU H 90 -16.48 45.18 10.60
C LEU H 90 -16.43 44.18 9.45
N MET H 91 -15.26 43.59 9.21
CA MET H 91 -15.16 42.60 8.15
C MET H 91 -16.03 41.40 8.45
N ALA H 92 -16.06 40.96 9.69
CA ALA H 92 -16.82 39.78 10.07
C ALA H 92 -18.30 39.95 9.83
N CYS H 93 -18.81 41.17 9.96
CA CYS H 93 -20.24 41.40 9.80
C CYS H 93 -20.60 42.13 8.53
N SER H 94 -19.65 42.76 7.83
CA SER H 94 -19.97 43.52 6.63
C SER H 94 -19.16 43.07 5.41
N GLY H 95 -19.88 42.90 4.30
CA GLY H 95 -19.24 42.54 3.04
C GLY H 95 -18.50 43.70 2.42
N LEU H 96 -19.02 44.91 2.58
CA LEU H 96 -18.35 46.09 2.04
C LEU H 96 -17.03 46.29 2.75
N PHE H 97 -17.06 46.25 4.07
CA PHE H 97 -15.84 46.40 4.83
C PHE H 97 -14.92 45.22 4.57
N TYR H 98 -15.49 44.06 4.27
CA TYR H 98 -14.64 42.92 3.94
C TYR H 98 -13.90 43.20 2.65
N SER H 99 -14.62 43.63 1.62
CA SER H 99 -14.02 43.95 0.34
C SER H 99 -12.97 45.06 0.47
N ILE H 100 -13.22 46.01 1.37
CA ILE H 100 -12.28 47.12 1.54
C ILE H 100 -11.02 46.68 2.26
N PHE H 101 -11.18 46.10 3.45
CA PHE H 101 -10.05 45.72 4.27
C PHE H 101 -9.34 44.48 3.77
N THR H 102 -9.96 43.74 2.86
CA THR H 102 -9.28 42.61 2.26
C THR H 102 -8.21 43.13 1.32
N ASP H 103 -8.49 44.25 0.66
CA ASP H 103 -7.51 44.90 -0.20
C ASP H 103 -6.35 45.40 0.62
N GLN H 104 -5.13 45.00 0.25
CA GLN H 104 -3.96 45.42 1.01
C GLN H 104 -3.72 46.92 0.90
N LEU H 105 -4.30 47.57 -0.10
CA LEU H 105 -4.16 49.01 -0.26
C LEU H 105 -5.01 49.76 0.76
N LYS H 106 -6.10 49.15 1.22
CA LYS H 106 -7.01 49.78 2.17
C LYS H 106 -7.03 49.08 3.52
N CYS H 107 -6.16 48.09 3.72
CA CYS H 107 -6.04 47.48 5.03
C CYS H 107 -5.69 48.50 6.09
N ASN H 108 -4.56 49.18 5.93
CA ASN H 108 -3.99 50.04 6.95
C ASN H 108 -4.65 51.41 7.00
N LEU H 109 -5.78 51.59 6.32
CA LEU H 109 -6.46 52.88 6.36
C LEU H 109 -7.09 53.11 7.73
N SER H 110 -6.61 54.15 8.40
CA SER H 110 -7.09 54.51 9.73
C SER H 110 -8.45 55.19 9.68
N VAL H 111 -8.75 55.88 8.59
CA VAL H 111 -10.00 56.62 8.43
C VAL H 111 -10.69 56.17 7.15
N ILE H 112 -11.93 55.72 7.29
CA ILE H 112 -12.76 55.29 6.19
C ILE H 112 -13.90 56.29 6.02
N ASN H 113 -13.89 57.02 4.90
CA ASN H 113 -14.92 58.02 4.61
C ASN H 113 -16.00 57.42 3.73
N LEU H 114 -17.16 57.17 4.32
CA LEU H 114 -18.27 56.65 3.54
C LEU H 114 -18.97 57.78 2.81
N ASP H 115 -19.81 57.41 1.86
CA ASP H 115 -20.51 58.42 1.09
C ASP H 115 -21.40 59.22 2.03
N PRO H 116 -21.46 60.55 1.87
CA PRO H 116 -22.29 61.35 2.77
C PRO H 116 -23.76 61.05 2.67
N GLU H 117 -24.17 60.31 1.64
CA GLU H 117 -25.57 59.93 1.47
C GLU H 117 -26.03 58.88 2.47
N ILE H 118 -25.12 58.08 3.02
CA ILE H 118 -25.51 57.03 3.95
C ILE H 118 -26.10 57.64 5.23
N ASN H 119 -27.30 57.19 5.58
CA ASN H 119 -28.00 57.67 6.76
C ASN H 119 -27.29 57.23 8.04
N PRO H 120 -26.92 58.17 8.90
CA PRO H 120 -26.25 57.80 10.15
C PRO H 120 -27.06 56.89 11.04
N GLU H 121 -28.39 57.05 11.09
CA GLU H 121 -29.17 56.16 11.95
C GLU H 121 -29.11 54.73 11.47
N GLY H 122 -29.05 54.53 10.16
CA GLY H 122 -28.92 53.19 9.61
C GLY H 122 -27.59 52.57 10.01
N PHE H 123 -26.53 53.37 9.94
CA PHE H 123 -25.19 52.93 10.29
C PHE H 123 -24.99 52.66 11.77
N CYS H 124 -25.45 53.55 12.66
CA CYS H 124 -25.19 53.32 14.07
C CYS H 124 -26.05 52.20 14.63
N ILE H 125 -27.31 52.12 14.19
CA ILE H 125 -28.12 50.97 14.58
C ILE H 125 -27.44 49.68 14.13
N LEU H 126 -26.92 49.68 12.91
CA LEU H 126 -26.25 48.49 12.40
C LEU H 126 -24.93 48.22 13.11
N LEU H 127 -24.20 49.25 13.50
CA LEU H 127 -22.96 49.02 14.21
C LEU H 127 -23.24 48.43 15.57
N ASP H 128 -24.28 48.90 16.26
CA ASP H 128 -24.63 48.32 17.54
C ASP H 128 -25.04 46.87 17.35
N PHE H 129 -25.84 46.60 16.33
CA PHE H 129 -26.27 45.23 16.04
C PHE H 129 -25.08 44.32 15.76
N MET H 130 -24.07 44.85 15.07
CA MET H 130 -22.89 44.07 14.71
C MET H 130 -22.17 43.56 15.94
N TYR H 131 -22.15 44.36 17.02
CA TYR H 131 -21.48 44.01 18.24
C TYR H 131 -22.41 43.41 19.29
N THR H 132 -23.72 43.49 19.09
CA THR H 132 -24.68 43.01 20.06
C THR H 132 -25.65 41.96 19.54
N SER H 133 -25.80 41.83 18.22
CA SER H 133 -26.75 40.93 17.60
C SER H 133 -28.20 41.36 17.78
N ARG H 134 -28.43 42.53 18.37
CA ARG H 134 -29.78 43.05 18.58
C ARG H 134 -29.97 44.23 17.63
N LEU H 135 -30.96 44.13 16.77
CA LEU H 135 -31.25 45.16 15.78
C LEU H 135 -32.49 45.96 16.19
N ASN H 136 -32.31 47.26 16.38
CA ASN H 136 -33.38 48.17 16.76
C ASN H 136 -34.08 48.64 15.48
N LEU H 137 -34.99 47.81 15.00
CA LEU H 137 -35.75 48.08 13.78
C LEU H 137 -37.16 48.54 14.13
N ARG H 138 -37.49 49.77 13.77
CA ARG H 138 -38.83 50.29 13.99
C ARG H 138 -39.28 51.00 12.71
N GLU H 139 -40.59 51.19 12.62
CA GLU H 139 -41.20 51.80 11.44
C GLU H 139 -40.59 53.14 11.05
N GLY H 140 -40.02 53.87 12.01
CA GLY H 140 -39.44 55.16 11.69
C GLY H 140 -38.04 55.11 11.08
N ASN H 141 -37.34 53.99 11.19
CA ASN H 141 -35.98 53.85 10.68
C ASN H 141 -35.77 52.65 9.77
N ILE H 142 -36.78 51.79 9.60
CA ILE H 142 -36.67 50.59 8.77
C ILE H 142 -36.03 50.88 7.41
N MET H 143 -36.50 51.91 6.72
CA MET H 143 -35.97 52.23 5.39
C MET H 143 -34.50 52.67 5.41
N ALA H 144 -34.11 53.51 6.37
CA ALA H 144 -32.72 53.94 6.43
C ALA H 144 -31.82 52.75 6.72
N VAL H 145 -32.30 51.83 7.54
CA VAL H 145 -31.53 50.64 7.88
C VAL H 145 -31.43 49.70 6.69
N MET H 146 -32.54 49.45 6.02
CA MET H 146 -32.52 48.58 4.87
C MET H 146 -31.57 49.10 3.80
N ALA H 147 -31.63 50.40 3.52
CA ALA H 147 -30.76 50.99 2.52
C ALA H 147 -29.30 50.91 2.94
N THR H 148 -29.03 51.14 4.22
CA THR H 148 -27.65 51.08 4.68
C THR H 148 -27.14 49.64 4.64
N ALA H 149 -27.97 48.66 5.01
CA ALA H 149 -27.56 47.27 4.97
C ALA H 149 -27.26 46.86 3.54
N MET H 150 -27.98 47.45 2.60
CA MET H 150 -27.72 47.18 1.20
C MET H 150 -26.37 47.75 0.81
N TYR H 151 -26.09 48.98 1.25
CA TYR H 151 -24.80 49.57 0.95
C TYR H 151 -23.67 48.81 1.62
N LEU H 152 -23.87 48.40 2.87
CA LEU H 152 -22.86 47.63 3.61
C LEU H 152 -22.84 46.16 3.24
N GLN H 153 -23.76 45.71 2.39
CA GLN H 153 -23.84 44.32 1.97
C GLN H 153 -24.05 43.37 3.16
N MET H 154 -25.16 43.60 3.86
CA MET H 154 -25.56 42.79 4.99
C MET H 154 -26.84 42.09 4.54
N GLU H 155 -26.65 41.08 3.72
CA GLU H 155 -27.76 40.36 3.09
C GLU H 155 -28.81 39.88 4.08
N HIS H 156 -28.41 39.31 5.21
CA HIS H 156 -29.40 38.83 6.15
C HIS H 156 -30.15 39.98 6.80
N VAL H 157 -29.51 41.13 6.94
CA VAL H 157 -30.20 42.29 7.51
C VAL H 157 -31.23 42.81 6.53
N VAL H 158 -30.85 42.93 5.27
CA VAL H 158 -31.78 43.36 4.24
C VAL H 158 -32.95 42.40 4.14
N ASP H 159 -32.68 41.10 4.24
CA ASP H 159 -33.74 40.09 4.23
C ASP H 159 -34.70 40.28 5.39
N THR H 160 -34.16 40.64 6.55
CA THR H 160 -35.04 40.85 7.69
C THR H 160 -35.82 42.15 7.56
N CYS H 161 -35.24 43.17 6.93
CA CYS H 161 -36.00 44.39 6.69
C CYS H 161 -37.12 44.09 5.71
N ARG H 162 -36.89 43.17 4.78
CA ARG H 162 -37.91 42.75 3.82
C ARG H 162 -39.05 42.04 4.55
N LYS H 163 -38.71 41.19 5.53
CA LYS H 163 -39.76 40.48 6.27
C LYS H 163 -40.49 41.42 7.20
N PHE H 164 -39.81 42.47 7.67
CA PHE H 164 -40.41 43.41 8.61
C PHE H 164 -41.57 44.16 7.98
N ILE H 165 -41.34 44.81 6.83
CA ILE H 165 -42.42 45.54 6.19
C ILE H 165 -43.41 44.57 5.55
N LYS H 166 -43.01 43.32 5.37
CA LYS H 166 -43.93 42.31 4.84
C LYS H 166 -44.93 41.92 5.91
N ALA H 167 -44.50 41.88 7.16
CA ALA H 167 -45.36 41.52 8.28
C ALA H 167 -46.12 42.72 8.81
N SER H 168 -45.53 43.91 8.72
CA SER H 168 -46.18 45.12 9.21
C SER H 168 -47.01 45.76 8.10
#